data_28SR
# 
_entry.id   28SR 
# 
_audit_conform.dict_name       mmcif_pdbx.dic 
_audit_conform.dict_version    5.383 
_audit_conform.dict_location   http://mmcif.pdb.org/dictionaries/ascii/mmcif_pdbx.dic 
# 
loop_
_database_2.database_id 
_database_2.database_code 
_database_2.pdbx_database_accession 
_database_2.pdbx_DOI 
PDB   28SR         pdb_000028sr 10.2210/pdb28sr/pdb 
RCSB  RCSB000859   ?            ?                   
WWPDB D_1000000859 ?            ?                   
# 
loop_
_pdbx_audit_revision_history.ordinal 
_pdbx_audit_revision_history.data_content_type 
_pdbx_audit_revision_history.major_revision 
_pdbx_audit_revision_history.minor_revision 
_pdbx_audit_revision_history.revision_date 
1 'Structure model' 1 0 1999-04-20 
2 'Structure model' 1 1 2008-04-26 
3 'Structure model' 1 2 2011-07-13 
4 'Structure model' 1 3 2022-03-09 
5 'Structure model' 1 4 2023-12-27 
# 
_pdbx_audit_revision_details.ordinal             1 
_pdbx_audit_revision_details.revision_ordinal    1 
_pdbx_audit_revision_details.data_content_type   'Structure model' 
_pdbx_audit_revision_details.provider            repository 
_pdbx_audit_revision_details.type                'Initial release' 
_pdbx_audit_revision_details.description         ? 
_pdbx_audit_revision_details.details             ? 
# 
loop_
_pdbx_audit_revision_group.ordinal 
_pdbx_audit_revision_group.revision_ordinal 
_pdbx_audit_revision_group.data_content_type 
_pdbx_audit_revision_group.group 
1 2 'Structure model' 'Version format compliance' 
2 3 'Structure model' 'Version format compliance' 
3 4 'Structure model' 'Data collection'           
4 4 'Structure model' 'Database references'       
5 4 'Structure model' 'Derived calculations'      
6 5 'Structure model' 'Data collection'           
# 
loop_
_pdbx_audit_revision_category.ordinal 
_pdbx_audit_revision_category.revision_ordinal 
_pdbx_audit_revision_category.data_content_type 
_pdbx_audit_revision_category.category 
1 4 'Structure model' database_2            
2 4 'Structure model' pdbx_nmr_software     
3 4 'Structure model' pdbx_struct_assembly  
4 4 'Structure model' pdbx_struct_oper_list 
5 5 'Structure model' chem_comp_atom        
6 5 'Structure model' chem_comp_bond        
# 
loop_
_pdbx_audit_revision_item.ordinal 
_pdbx_audit_revision_item.revision_ordinal 
_pdbx_audit_revision_item.data_content_type 
_pdbx_audit_revision_item.item 
1 4 'Structure model' '_database_2.pdbx_DOI'                
2 4 'Structure model' '_database_2.pdbx_database_accession' 
3 4 'Structure model' '_pdbx_nmr_software.name'             
# 
_pdbx_database_status.status_code                     REL 
_pdbx_database_status.entry_id                        28SR 
_pdbx_database_status.recvd_initial_deposition_date   1999-04-15 
_pdbx_database_status.deposit_site                    BNL 
_pdbx_database_status.process_site                    RCSB 
_pdbx_database_status.SG_entry                        . 
_pdbx_database_status.pdb_format_compatible           Y 
_pdbx_database_status.status_code_mr                  ? 
_pdbx_database_status.status_code_sf                  ? 
_pdbx_database_status.status_code_cs                  ? 
_pdbx_database_status.status_code_nmr_data            ? 
_pdbx_database_status.methods_development_category    ? 
# 
loop_
_audit_author.name 
_audit_author.pdbx_ordinal 
'Schmitz, U.'  1 
'James, T.L.'  2 
'Lukavsky, P.' 3 
'Walter, P.'   4 
# 
_citation.id                        primary 
_citation.title                     'Structure of the most conserved internal loop in SRP RNA.' 
_citation.journal_abbrev            Nat.Struct.Biol. 
_citation.journal_volume            6 
_citation.page_first                634 
_citation.page_last                 638 
_citation.year                      1999 
_citation.journal_id_ASTM           NSBIEW 
_citation.country                   US 
_citation.journal_id_ISSN           1072-8368 
_citation.journal_id_CSD            2024 
_citation.book_publisher            ? 
_citation.pdbx_database_id_PubMed   10404218 
_citation.pdbx_database_id_DOI      10.1038/10683 
# 
loop_
_citation_author.citation_id 
_citation_author.name 
_citation_author.ordinal 
_citation_author.identifier_ORCID 
primary 'Schmitz, U.'  1 ? 
primary 'James, T.L.'  2 ? 
primary 'Lukavsky, P.' 3 ? 
primary 'Walter, P.'   4 ? 
# 
_entity.id                         1 
_entity.type                       polymer 
_entity.src_method                 man 
_entity.pdbx_description           'SRP DOMAIN IV' 
_entity.formula_weight             9126.535 
_entity.pdbx_number_of_molecules   1 
_entity.pdbx_ec                    ? 
_entity.pdbx_mutation              ? 
_entity.pdbx_fragment              'SRP DOMAIN IV' 
_entity.details                    ? 
# 
_entity_name_com.entity_id   1 
_entity_name_com.name        'SRP54 BINDING DOMAIN' 
# 
_entity_poly.entity_id                      1 
_entity_poly.type                           polyribonucleotide 
_entity_poly.nstd_linkage                   no 
_entity_poly.nstd_monomer                   no 
_entity_poly.pdbx_seq_one_letter_code       GGCGUCAGGUCCGGAAGGAAGCAGCGCC 
_entity_poly.pdbx_seq_one_letter_code_can   GGCGUCAGGUCCGGAAGGAAGCAGCGCC 
_entity_poly.pdbx_strand_id                 A 
_entity_poly.pdbx_target_identifier         ? 
# 
loop_
_entity_poly_seq.entity_id 
_entity_poly_seq.num 
_entity_poly_seq.mon_id 
_entity_poly_seq.hetero 
1 1  G n 
1 2  G n 
1 3  C n 
1 4  G n 
1 5  U n 
1 6  C n 
1 7  A n 
1 8  G n 
1 9  G n 
1 10 U n 
1 11 C n 
1 12 C n 
1 13 G n 
1 14 G n 
1 15 A n 
1 16 A n 
1 17 G n 
1 18 G n 
1 19 A n 
1 20 A n 
1 21 G n 
1 22 C n 
1 23 A n 
1 24 G n 
1 25 C n 
1 26 G n 
1 27 C n 
1 28 C n 
# 
_entity_src_gen.entity_id                          1 
_entity_src_gen.pdbx_src_id                        1 
_entity_src_gen.pdbx_alt_source_flag               sample 
_entity_src_gen.pdbx_seq_type                      ? 
_entity_src_gen.pdbx_beg_seq_num                   ? 
_entity_src_gen.pdbx_end_seq_num                   ? 
_entity_src_gen.gene_src_common_name               ? 
_entity_src_gen.gene_src_genus                     Escherichia 
_entity_src_gen.pdbx_gene_src_gene                 ? 
_entity_src_gen.gene_src_species                   ? 
_entity_src_gen.gene_src_strain                    ? 
_entity_src_gen.gene_src_tissue                    ? 
_entity_src_gen.gene_src_tissue_fraction           ? 
_entity_src_gen.gene_src_details                   ? 
_entity_src_gen.pdbx_gene_src_fragment             ? 
_entity_src_gen.pdbx_gene_src_scientific_name      'Escherichia coli' 
_entity_src_gen.pdbx_gene_src_ncbi_taxonomy_id     562 
_entity_src_gen.pdbx_gene_src_variant              ? 
_entity_src_gen.pdbx_gene_src_cell_line            ? 
_entity_src_gen.pdbx_gene_src_atcc                 ? 
_entity_src_gen.pdbx_gene_src_organ                ? 
_entity_src_gen.pdbx_gene_src_organelle            ? 
_entity_src_gen.pdbx_gene_src_cell                 ? 
_entity_src_gen.pdbx_gene_src_cellular_location    ? 
_entity_src_gen.host_org_common_name               ? 
_entity_src_gen.pdbx_host_org_scientific_name      'Escherichia coli' 
_entity_src_gen.pdbx_host_org_ncbi_taxonomy_id     562 
_entity_src_gen.host_org_genus                     Escherichia 
_entity_src_gen.pdbx_host_org_gene                 ? 
_entity_src_gen.pdbx_host_org_organ                ? 
_entity_src_gen.host_org_species                   ? 
_entity_src_gen.pdbx_host_org_tissue               ? 
_entity_src_gen.pdbx_host_org_tissue_fraction      ? 
_entity_src_gen.pdbx_host_org_strain               ? 
_entity_src_gen.pdbx_host_org_variant              ? 
_entity_src_gen.pdbx_host_org_cell_line            ? 
_entity_src_gen.pdbx_host_org_atcc                 ? 
_entity_src_gen.pdbx_host_org_culture_collection   ? 
_entity_src_gen.pdbx_host_org_cell                 ? 
_entity_src_gen.pdbx_host_org_organelle            ? 
_entity_src_gen.pdbx_host_org_cellular_location    ? 
_entity_src_gen.pdbx_host_org_vector_type          ? 
_entity_src_gen.pdbx_host_org_vector               ? 
_entity_src_gen.host_org_details                   ? 
_entity_src_gen.expression_system_id               ? 
_entity_src_gen.plasmid_name                       ? 
_entity_src_gen.plasmid_details                    ? 
_entity_src_gen.pdbx_description                   'PREPARED BY IN VITRO TRANSCRIPTION WITH T7 RNA POLYMERASE' 
# 
loop_
_chem_comp.id 
_chem_comp.type 
_chem_comp.mon_nstd_flag 
_chem_comp.name 
_chem_comp.pdbx_synonyms 
_chem_comp.formula 
_chem_comp.formula_weight 
A 'RNA linking' y "ADENOSINE-5'-MONOPHOSPHATE" ? 'C10 H14 N5 O7 P' 347.221 
C 'RNA linking' y "CYTIDINE-5'-MONOPHOSPHATE"  ? 'C9 H14 N3 O8 P'  323.197 
G 'RNA linking' y "GUANOSINE-5'-MONOPHOSPHATE" ? 'C10 H14 N5 O8 P' 363.221 
U 'RNA linking' y "URIDINE-5'-MONOPHOSPHATE"   ? 'C9 H13 N2 O9 P'  324.181 
# 
loop_
_pdbx_poly_seq_scheme.asym_id 
_pdbx_poly_seq_scheme.entity_id 
_pdbx_poly_seq_scheme.seq_id 
_pdbx_poly_seq_scheme.mon_id 
_pdbx_poly_seq_scheme.ndb_seq_num 
_pdbx_poly_seq_scheme.pdb_seq_num 
_pdbx_poly_seq_scheme.auth_seq_num 
_pdbx_poly_seq_scheme.pdb_mon_id 
_pdbx_poly_seq_scheme.auth_mon_id 
_pdbx_poly_seq_scheme.pdb_strand_id 
_pdbx_poly_seq_scheme.pdb_ins_code 
_pdbx_poly_seq_scheme.hetero 
A 1 1  G 1  1  1  G G A . n 
A 1 2  G 2  2  2  G G A . n 
A 1 3  C 3  3  3  C C A . n 
A 1 4  G 4  4  4  G G A . n 
A 1 5  U 5  5  5  U U A . n 
A 1 6  C 6  6  6  C C A . n 
A 1 7  A 7  7  7  A A A . n 
A 1 8  G 8  8  8  G G A . n 
A 1 9  G 9  9  9  G G A . n 
A 1 10 U 10 10 10 U U A . n 
A 1 11 C 11 11 11 C C A . n 
A 1 12 C 12 12 12 C C A . n 
A 1 13 G 13 13 13 G G A . n 
A 1 14 G 14 14 14 G G A . n 
A 1 15 A 15 15 15 A A A . n 
A 1 16 A 16 16 16 A A A . n 
A 1 17 G 17 17 17 G G A . n 
A 1 18 G 18 18 18 G G A . n 
A 1 19 A 19 19 19 A A A . n 
A 1 20 A 20 20 20 A A A . n 
A 1 21 G 21 21 21 G G A . n 
A 1 22 C 22 22 22 C C A . n 
A 1 23 A 23 23 23 A A A . n 
A 1 24 G 24 24 24 G G A . n 
A 1 25 C 25 25 25 C C A . n 
A 1 26 G 26 26 26 G G A . n 
A 1 27 C 27 27 27 C C A . n 
A 1 28 C 28 28 28 C C A . n 
# 
_cell.entry_id           28SR 
_cell.length_a           1.000 
_cell.length_b           1.000 
_cell.length_c           1.000 
_cell.angle_alpha        90.00 
_cell.angle_beta         90.00 
_cell.angle_gamma        90.00 
_cell.Z_PDB              1 
_cell.pdbx_unique_axis   ? 
# 
_symmetry.entry_id                         28SR 
_symmetry.space_group_name_H-M             'P 1' 
_symmetry.pdbx_full_space_group_name_H-M   ? 
_symmetry.cell_setting                     ? 
_symmetry.Int_Tables_number                1 
# 
_exptl.entry_id          28SR 
_exptl.method            'SOLUTION NMR' 
_exptl.crystals_number   ? 
# 
_struct.entry_id                  28SR 
_struct.title                     'NMR STRUCTURE OF THE MOST CONSERVED RNA MOTIF IN SRP RNA' 
_struct.pdbx_model_details        ? 
_struct.pdbx_CASP_flag            ? 
_struct.pdbx_model_type_details   ? 
# 
_struct_keywords.entry_id        28SR 
_struct_keywords.pdbx_keywords   RNA 
_struct_keywords.text            'NMR OF RNA, SRP, 4.5S RNA, RNA STRUCTURE, COMPLETE RELAXATION MATRIX ANALYSIS, RNA' 
# 
_struct_asym.id                            A 
_struct_asym.pdbx_blank_PDB_chainid_flag   N 
_struct_asym.pdbx_modified                 N 
_struct_asym.entity_id                     1 
_struct_asym.details                       ? 
# 
_struct_ref.id                         1 
_struct_ref.entity_id                  1 
_struct_ref.db_name                    PDB 
_struct_ref.db_code                    28SR 
_struct_ref.pdbx_db_accession          28SR 
_struct_ref.pdbx_db_isoform            ? 
_struct_ref.pdbx_seq_one_letter_code   ? 
_struct_ref.pdbx_align_begin           ? 
# 
_struct_ref_seq.align_id                      1 
_struct_ref_seq.ref_id                        1 
_struct_ref_seq.pdbx_PDB_id_code              28SR 
_struct_ref_seq.pdbx_strand_id                A 
_struct_ref_seq.seq_align_beg                 1 
_struct_ref_seq.pdbx_seq_align_beg_ins_code   ? 
_struct_ref_seq.seq_align_end                 28 
_struct_ref_seq.pdbx_seq_align_end_ins_code   ? 
_struct_ref_seq.pdbx_db_accession             28SR 
_struct_ref_seq.db_align_beg                  1 
_struct_ref_seq.pdbx_db_align_beg_ins_code    ? 
_struct_ref_seq.db_align_end                  28 
_struct_ref_seq.pdbx_db_align_end_ins_code    ? 
_struct_ref_seq.pdbx_auth_seq_align_beg       1 
_struct_ref_seq.pdbx_auth_seq_align_end       28 
# 
_pdbx_struct_assembly.id                   1 
_pdbx_struct_assembly.details              author_defined_assembly 
_pdbx_struct_assembly.method_details       ? 
_pdbx_struct_assembly.oligomeric_details   monomeric 
_pdbx_struct_assembly.oligomeric_count     1 
# 
_pdbx_struct_assembly_gen.assembly_id       1 
_pdbx_struct_assembly_gen.oper_expression   1 
_pdbx_struct_assembly_gen.asym_id_list      A 
# 
_pdbx_struct_oper_list.id                   1 
_pdbx_struct_oper_list.type                 'identity operation' 
_pdbx_struct_oper_list.name                 1_555 
_pdbx_struct_oper_list.symmetry_operation   x,y,z 
_pdbx_struct_oper_list.matrix[1][1]         1.0000000000 
_pdbx_struct_oper_list.matrix[1][2]         0.0000000000 
_pdbx_struct_oper_list.matrix[1][3]         0.0000000000 
_pdbx_struct_oper_list.vector[1]            0.0000000000 
_pdbx_struct_oper_list.matrix[2][1]         0.0000000000 
_pdbx_struct_oper_list.matrix[2][2]         1.0000000000 
_pdbx_struct_oper_list.matrix[2][3]         0.0000000000 
_pdbx_struct_oper_list.vector[2]            0.0000000000 
_pdbx_struct_oper_list.matrix[3][1]         0.0000000000 
_pdbx_struct_oper_list.matrix[3][2]         0.0000000000 
_pdbx_struct_oper_list.matrix[3][3]         1.0000000000 
_pdbx_struct_oper_list.vector[3]            0.0000000000 
# 
_struct_biol.id   1 
# 
loop_
_struct_conn.id 
_struct_conn.conn_type_id 
_struct_conn.pdbx_leaving_atom_flag 
_struct_conn.pdbx_PDB_id 
_struct_conn.ptnr1_label_asym_id 
_struct_conn.ptnr1_label_comp_id 
_struct_conn.ptnr1_label_seq_id 
_struct_conn.ptnr1_label_atom_id 
_struct_conn.pdbx_ptnr1_label_alt_id 
_struct_conn.pdbx_ptnr1_PDB_ins_code 
_struct_conn.pdbx_ptnr1_standard_comp_id 
_struct_conn.ptnr1_symmetry 
_struct_conn.ptnr2_label_asym_id 
_struct_conn.ptnr2_label_comp_id 
_struct_conn.ptnr2_label_seq_id 
_struct_conn.ptnr2_label_atom_id 
_struct_conn.pdbx_ptnr2_label_alt_id 
_struct_conn.pdbx_ptnr2_PDB_ins_code 
_struct_conn.ptnr1_auth_asym_id 
_struct_conn.ptnr1_auth_comp_id 
_struct_conn.ptnr1_auth_seq_id 
_struct_conn.ptnr2_auth_asym_id 
_struct_conn.ptnr2_auth_comp_id 
_struct_conn.ptnr2_auth_seq_id 
_struct_conn.ptnr2_symmetry 
_struct_conn.pdbx_ptnr3_label_atom_id 
_struct_conn.pdbx_ptnr3_label_seq_id 
_struct_conn.pdbx_ptnr3_label_comp_id 
_struct_conn.pdbx_ptnr3_label_asym_id 
_struct_conn.pdbx_ptnr3_label_alt_id 
_struct_conn.pdbx_ptnr3_PDB_ins_code 
_struct_conn.details 
_struct_conn.pdbx_dist_value 
_struct_conn.pdbx_value_order 
_struct_conn.pdbx_role 
hydrog1  hydrog ? ? A G 1  N1 ? ? ? 1_555 A C 28 N3 ? ? A G 1  A C 28 1_555 ? ? ? ? ? ? WATSON-CRICK  ? ? ? 
hydrog2  hydrog ? ? A G 1  N2 ? ? ? 1_555 A C 28 O2 ? ? A G 1  A C 28 1_555 ? ? ? ? ? ? WATSON-CRICK  ? ? ? 
hydrog3  hydrog ? ? A G 1  O6 ? ? ? 1_555 A C 28 N4 ? ? A G 1  A C 28 1_555 ? ? ? ? ? ? WATSON-CRICK  ? ? ? 
hydrog4  hydrog ? ? A G 2  N1 ? ? ? 1_555 A C 27 N3 ? ? A G 2  A C 27 1_555 ? ? ? ? ? ? WATSON-CRICK  ? ? ? 
hydrog5  hydrog ? ? A G 2  N2 ? ? ? 1_555 A C 27 O2 ? ? A G 2  A C 27 1_555 ? ? ? ? ? ? WATSON-CRICK  ? ? ? 
hydrog6  hydrog ? ? A G 2  O6 ? ? ? 1_555 A C 27 N4 ? ? A G 2  A C 27 1_555 ? ? ? ? ? ? WATSON-CRICK  ? ? ? 
hydrog7  hydrog ? ? A C 3  N3 ? ? ? 1_555 A G 26 N1 ? ? A C 3  A G 26 1_555 ? ? ? ? ? ? WATSON-CRICK  ? ? ? 
hydrog8  hydrog ? ? A C 3  N4 ? ? ? 1_555 A G 26 O6 ? ? A C 3  A G 26 1_555 ? ? ? ? ? ? WATSON-CRICK  ? ? ? 
hydrog9  hydrog ? ? A C 3  O2 ? ? ? 1_555 A G 26 N2 ? ? A C 3  A G 26 1_555 ? ? ? ? ? ? WATSON-CRICK  ? ? ? 
hydrog10 hydrog ? ? A G 4  N1 ? ? ? 1_555 A C 25 N3 ? ? A G 4  A C 25 1_555 ? ? ? ? ? ? WATSON-CRICK  ? ? ? 
hydrog11 hydrog ? ? A G 4  N2 ? ? ? 1_555 A C 25 O2 ? ? A G 4  A C 25 1_555 ? ? ? ? ? ? WATSON-CRICK  ? ? ? 
hydrog12 hydrog ? ? A G 4  O6 ? ? ? 1_555 A C 25 N4 ? ? A G 4  A C 25 1_555 ? ? ? ? ? ? WATSON-CRICK  ? ? ? 
hydrog13 hydrog ? ? A U 5  N3 ? ? ? 1_555 A G 24 O6 ? ? A U 5  A G 24 1_555 ? ? ? ? ? ? TYPE_28_PAIR  ? ? ? 
hydrog14 hydrog ? ? A U 5  O2 ? ? ? 1_555 A G 24 N1 ? ? A U 5  A G 24 1_555 ? ? ? ? ? ? TYPE_28_PAIR  ? ? ? 
hydrog15 hydrog ? ? A A 7  N7 ? ? ? 1_555 A G 21 N2 ? ? A A 7  A G 21 1_555 ? ? ? ? ? ? 'A-G MISPAIR' ? ? ? 
hydrog16 hydrog ? ? A G 9  N1 ? ? ? 1_555 A A 20 N1 ? ? A G 9  A A 20 1_555 ? ? ? ? ? ? TYPE_8_PAIR   ? ? ? 
hydrog17 hydrog ? ? A G 9  O6 ? ? ? 1_555 A A 20 N6 ? ? A G 9  A A 20 1_555 ? ? ? ? ? ? TYPE_8_PAIR   ? ? ? 
hydrog18 hydrog ? ? A U 10 N3 ? ? ? 1_555 A A 19 N1 ? ? A U 10 A A 19 1_555 ? ? ? ? ? ? WATSON-CRICK  ? ? ? 
hydrog19 hydrog ? ? A U 10 O4 ? ? ? 1_555 A A 19 N6 ? ? A U 10 A A 19 1_555 ? ? ? ? ? ? WATSON-CRICK  ? ? ? 
hydrog20 hydrog ? ? A C 11 N3 ? ? ? 1_555 A G 18 N1 ? ? A C 11 A G 18 1_555 ? ? ? ? ? ? WATSON-CRICK  ? ? ? 
hydrog21 hydrog ? ? A C 11 N4 ? ? ? 1_555 A G 18 O6 ? ? A C 11 A G 18 1_555 ? ? ? ? ? ? WATSON-CRICK  ? ? ? 
hydrog22 hydrog ? ? A C 11 O2 ? ? ? 1_555 A G 18 N2 ? ? A C 11 A G 18 1_555 ? ? ? ? ? ? WATSON-CRICK  ? ? ? 
hydrog23 hydrog ? ? A C 12 N3 ? ? ? 1_555 A G 17 N1 ? ? A C 12 A G 17 1_555 ? ? ? ? ? ? WATSON-CRICK  ? ? ? 
hydrog24 hydrog ? ? A C 12 N4 ? ? ? 1_555 A G 17 O6 ? ? A C 12 A G 17 1_555 ? ? ? ? ? ? WATSON-CRICK  ? ? ? 
hydrog25 hydrog ? ? A C 12 O2 ? ? ? 1_555 A G 17 N2 ? ? A C 12 A G 17 1_555 ? ? ? ? ? ? WATSON-CRICK  ? ? ? 
hydrog26 hydrog ? ? A G 13 N2 ? ? ? 1_555 A A 16 N7 ? ? A G 13 A A 16 1_555 ? ? ? ? ? ? 'G-A MISPAIR' ? ? ? 
# 
_struct_conn_type.id          hydrog 
_struct_conn_type.criteria    ? 
_struct_conn_type.reference   ? 
# 
loop_
_pdbx_validate_close_contact.id 
_pdbx_validate_close_contact.PDB_model_num 
_pdbx_validate_close_contact.auth_atom_id_1 
_pdbx_validate_close_contact.auth_asym_id_1 
_pdbx_validate_close_contact.auth_comp_id_1 
_pdbx_validate_close_contact.auth_seq_id_1 
_pdbx_validate_close_contact.PDB_ins_code_1 
_pdbx_validate_close_contact.label_alt_id_1 
_pdbx_validate_close_contact.auth_atom_id_2 
_pdbx_validate_close_contact.auth_asym_id_2 
_pdbx_validate_close_contact.auth_comp_id_2 
_pdbx_validate_close_contact.auth_seq_id_2 
_pdbx_validate_close_contact.PDB_ins_code_2 
_pdbx_validate_close_contact.label_alt_id_2 
_pdbx_validate_close_contact.dist 
1 1 "HO2'" A U 5  ? ? OP1 A C 6  ? ? 1.36 
2 1 "HO2'" A G 21 ? ? OP1 A C 22 ? ? 1.45 
# 
loop_
_pdbx_validate_rmsd_angle.id 
_pdbx_validate_rmsd_angle.PDB_model_num 
_pdbx_validate_rmsd_angle.auth_atom_id_1 
_pdbx_validate_rmsd_angle.auth_asym_id_1 
_pdbx_validate_rmsd_angle.auth_comp_id_1 
_pdbx_validate_rmsd_angle.auth_seq_id_1 
_pdbx_validate_rmsd_angle.PDB_ins_code_1 
_pdbx_validate_rmsd_angle.label_alt_id_1 
_pdbx_validate_rmsd_angle.auth_atom_id_2 
_pdbx_validate_rmsd_angle.auth_asym_id_2 
_pdbx_validate_rmsd_angle.auth_comp_id_2 
_pdbx_validate_rmsd_angle.auth_seq_id_2 
_pdbx_validate_rmsd_angle.PDB_ins_code_2 
_pdbx_validate_rmsd_angle.label_alt_id_2 
_pdbx_validate_rmsd_angle.auth_atom_id_3 
_pdbx_validate_rmsd_angle.auth_asym_id_3 
_pdbx_validate_rmsd_angle.auth_comp_id_3 
_pdbx_validate_rmsd_angle.auth_seq_id_3 
_pdbx_validate_rmsd_angle.PDB_ins_code_3 
_pdbx_validate_rmsd_angle.label_alt_id_3 
_pdbx_validate_rmsd_angle.angle_value 
_pdbx_validate_rmsd_angle.angle_target_value 
_pdbx_validate_rmsd_angle.angle_deviation 
_pdbx_validate_rmsd_angle.angle_standard_deviation 
_pdbx_validate_rmsd_angle.linker_flag 
1  1 "C5'" A G 2  ? ? "C4'" A G 2  ? ? "C3'" A G 2  ? ? 105.00 115.20 -10.20 1.40 N 
2  1 "O4'" A C 3  ? ? "C1'" A C 3  ? ? N1    A C 3  ? ? 113.91 108.50 5.41   0.70 N 
3  1 N1    A C 3  ? ? C2    A C 3  ? ? O2    A C 3  ? ? 122.58 118.90 3.68   0.60 N 
4  1 N3    A C 3  ? ? C2    A C 3  ? ? O2    A C 3  ? ? 117.45 121.90 -4.45  0.70 N 
5  1 "O4'" A G 4  ? ? "C1'" A G 4  ? ? N9    A G 4  ? ? 114.41 108.50 5.91   0.70 N 
6  1 "O4'" A C 6  ? ? "C1'" A C 6  ? ? N1    A C 6  ? ? 117.48 108.50 8.98   0.70 N 
7  1 "C5'" A A 7  ? ? "C4'" A A 7  ? ? "O4'" A A 7  ? ? 116.22 109.80 6.42   0.90 N 
8  1 C4    A A 7  ? ? C5    A A 7  ? ? C6    A A 7  ? ? 113.75 117.00 -3.25  0.50 N 
9  1 C5    A A 7  ? ? C6    A A 7  ? ? N1    A A 7  ? ? 121.49 117.70 3.79   0.50 N 
10 1 N9    A G 8  ? ? "C1'" A G 8  ? ? "C2'" A G 8  ? ? 99.31  112.00 -12.69 1.10 N 
11 1 "O4'" A G 9  ? ? "C1'" A G 9  ? ? N9    A G 9  ? ? 112.81 108.50 4.31   0.70 N 
12 1 "O4'" A G 14 ? ? "C1'" A G 14 ? ? N9    A G 14 ? ? 114.33 108.50 5.83   0.70 N 
13 1 N7    A G 17 ? ? C8    A G 17 ? ? N9    A G 17 ? ? 116.15 113.10 3.05   0.50 N 
14 1 "O4'" A A 19 ? ? "C1'" A A 19 ? ? N9    A A 19 ? ? 115.64 108.50 7.14   0.70 N 
15 1 C5    A A 19 ? ? C6    A A 19 ? ? N1    A A 19 ? ? 121.12 117.70 3.42   0.50 N 
16 1 N9    A G 21 ? ? "C1'" A G 21 ? ? "C2'" A G 21 ? ? 122.07 114.00 8.07   1.30 N 
17 1 "O4'" A G 21 ? ? "C1'" A G 21 ? ? N9    A G 21 ? ? 113.61 108.50 5.11   0.70 N 
18 1 "C5'" A A 23 ? ? "C4'" A A 23 ? ? "O4'" A A 23 ? ? 116.17 109.80 6.37   0.90 N 
19 1 "O4'" A A 23 ? ? "C1'" A A 23 ? ? N9    A A 23 ? ? 116.26 108.50 7.76   0.70 N 
20 1 C5    A A 23 ? ? C6    A A 23 ? ? N1    A A 23 ? ? 121.19 117.70 3.49   0.50 N 
21 1 N1    A A 23 ? ? C6    A A 23 ? ? N6    A A 23 ? ? 112.61 118.60 -5.99  0.60 N 
22 1 "O4'" A C 25 ? ? "C1'" A C 25 ? ? N1    A C 25 ? ? 114.52 108.50 6.02   0.70 N 
23 1 "O4'" A G 26 ? ? "C1'" A G 26 ? ? N9    A G 26 ? ? 112.92 108.50 4.42   0.70 N 
24 1 "O4'" A C 27 ? ? "C1'" A C 27 ? ? N1    A C 27 ? ? 113.96 108.50 5.46   0.70 N 
25 1 N3    A C 27 ? ? C2    A C 27 ? ? O2    A C 27 ? ? 117.61 121.90 -4.29  0.70 N 
# 
loop_
_pdbx_validate_planes.id 
_pdbx_validate_planes.PDB_model_num 
_pdbx_validate_planes.auth_comp_id 
_pdbx_validate_planes.auth_asym_id 
_pdbx_validate_planes.auth_seq_id 
_pdbx_validate_planes.PDB_ins_code 
_pdbx_validate_planes.label_alt_id 
_pdbx_validate_planes.rmsd 
_pdbx_validate_planes.type 
1  1 G A 1  ? ? 0.087 'SIDE CHAIN' 
2  1 G A 2  ? ? 0.117 'SIDE CHAIN' 
3  1 U A 5  ? ? 0.078 'SIDE CHAIN' 
4  1 C A 6  ? ? 0.176 'SIDE CHAIN' 
5  1 G A 8  ? ? 0.090 'SIDE CHAIN' 
6  1 U A 10 ? ? 0.122 'SIDE CHAIN' 
7  1 C A 11 ? ? 0.086 'SIDE CHAIN' 
8  1 G A 13 ? ? 0.073 'SIDE CHAIN' 
9  1 G A 14 ? ? 0.114 'SIDE CHAIN' 
10 1 A A 15 ? ? 0.115 'SIDE CHAIN' 
11 1 G A 17 ? ? 0.066 'SIDE CHAIN' 
12 1 G A 21 ? ? 0.132 'SIDE CHAIN' 
13 1 C A 22 ? ? 0.145 'SIDE CHAIN' 
14 1 A A 23 ? ? 0.074 'SIDE CHAIN' 
15 1 G A 26 ? ? 0.066 'SIDE CHAIN' 
# 
_pdbx_nmr_ensemble.entry_id                             28SR 
_pdbx_nmr_ensemble.conformers_calculated_total_number   ? 
_pdbx_nmr_ensemble.conformers_submitted_total_number    1 
_pdbx_nmr_ensemble.conformer_selection_criteria         ? 
# 
_pdbx_nmr_sample_details.solution_id      1 
_pdbx_nmr_sample_details.contents         '0.25 MM RNA' 
_pdbx_nmr_sample_details.solvent_system   ? 
# 
_pdbx_nmr_exptl_sample_conditions.conditions_id       1 
_pdbx_nmr_exptl_sample_conditions.temperature         303 
_pdbx_nmr_exptl_sample_conditions.pressure            1 
_pdbx_nmr_exptl_sample_conditions.pH                  6.5 
_pdbx_nmr_exptl_sample_conditions.ionic_strength      ? 
_pdbx_nmr_exptl_sample_conditions.pressure_units      atm 
_pdbx_nmr_exptl_sample_conditions.temperature_units   K 
# 
loop_
_pdbx_nmr_exptl.experiment_id 
_pdbx_nmr_exptl.conditions_id 
_pdbx_nmr_exptl.type 
_pdbx_nmr_exptl.solution_id 
1 1 NOESY   1 
2 1 COSY    1 
3 1 SSNOESY 1 
4 1 TOCSY   1 
# 
_pdbx_nmr_refine.entry_id           28SR 
_pdbx_nmr_refine.method             'RESTRAINED MD, COMPLETE RELAXATION MATRIX ANALYSIS' 
_pdbx_nmr_refine.details            'REFINEMENT DETAILS CAN BE FOUND IN THE JRNL CITATION ABOVE' 
_pdbx_nmr_refine.software_ordinal   1 
# 
loop_
_pdbx_nmr_software.classification 
_pdbx_nmr_software.name 
_pdbx_nmr_software.version 
_pdbx_nmr_software.authors 
_pdbx_nmr_software.ordinal 
refinement           Amber  5.0 'PEARLMAN, KOLLMAN ET AL.' 1 
'structure solution' Sparky ?   ?                          2 
# 
loop_
_chem_comp_atom.comp_id 
_chem_comp_atom.atom_id 
_chem_comp_atom.type_symbol 
_chem_comp_atom.pdbx_aromatic_flag 
_chem_comp_atom.pdbx_stereo_config 
_chem_comp_atom.pdbx_ordinal 
A OP3    O N N 1   
A P      P N N 2   
A OP1    O N N 3   
A OP2    O N N 4   
A "O5'"  O N N 5   
A "C5'"  C N N 6   
A "C4'"  C N R 7   
A "O4'"  O N N 8   
A "C3'"  C N S 9   
A "O3'"  O N N 10  
A "C2'"  C N R 11  
A "O2'"  O N N 12  
A "C1'"  C N R 13  
A N9     N Y N 14  
A C8     C Y N 15  
A N7     N Y N 16  
A C5     C Y N 17  
A C6     C Y N 18  
A N6     N N N 19  
A N1     N Y N 20  
A C2     C Y N 21  
A N3     N Y N 22  
A C4     C Y N 23  
A HOP3   H N N 24  
A HOP2   H N N 25  
A "H5'"  H N N 26  
A "H5''" H N N 27  
A "H4'"  H N N 28  
A "H3'"  H N N 29  
A "HO3'" H N N 30  
A "H2'"  H N N 31  
A "HO2'" H N N 32  
A "H1'"  H N N 33  
A H8     H N N 34  
A H61    H N N 35  
A H62    H N N 36  
A H2     H N N 37  
C OP3    O N N 38  
C P      P N N 39  
C OP1    O N N 40  
C OP2    O N N 41  
C "O5'"  O N N 42  
C "C5'"  C N N 43  
C "C4'"  C N R 44  
C "O4'"  O N N 45  
C "C3'"  C N S 46  
C "O3'"  O N N 47  
C "C2'"  C N R 48  
C "O2'"  O N N 49  
C "C1'"  C N R 50  
C N1     N N N 51  
C C2     C N N 52  
C O2     O N N 53  
C N3     N N N 54  
C C4     C N N 55  
C N4     N N N 56  
C C5     C N N 57  
C C6     C N N 58  
C HOP3   H N N 59  
C HOP2   H N N 60  
C "H5'"  H N N 61  
C "H5''" H N N 62  
C "H4'"  H N N 63  
C "H3'"  H N N 64  
C "HO3'" H N N 65  
C "H2'"  H N N 66  
C "HO2'" H N N 67  
C "H1'"  H N N 68  
C H41    H N N 69  
C H42    H N N 70  
C H5     H N N 71  
C H6     H N N 72  
G OP3    O N N 73  
G P      P N N 74  
G OP1    O N N 75  
G OP2    O N N 76  
G "O5'"  O N N 77  
G "C5'"  C N N 78  
G "C4'"  C N R 79  
G "O4'"  O N N 80  
G "C3'"  C N S 81  
G "O3'"  O N N 82  
G "C2'"  C N R 83  
G "O2'"  O N N 84  
G "C1'"  C N R 85  
G N9     N Y N 86  
G C8     C Y N 87  
G N7     N Y N 88  
G C5     C Y N 89  
G C6     C N N 90  
G O6     O N N 91  
G N1     N N N 92  
G C2     C N N 93  
G N2     N N N 94  
G N3     N N N 95  
G C4     C Y N 96  
G HOP3   H N N 97  
G HOP2   H N N 98  
G "H5'"  H N N 99  
G "H5''" H N N 100 
G "H4'"  H N N 101 
G "H3'"  H N N 102 
G "HO3'" H N N 103 
G "H2'"  H N N 104 
G "HO2'" H N N 105 
G "H1'"  H N N 106 
G H8     H N N 107 
G H1     H N N 108 
G H21    H N N 109 
G H22    H N N 110 
U OP3    O N N 111 
U P      P N N 112 
U OP1    O N N 113 
U OP2    O N N 114 
U "O5'"  O N N 115 
U "C5'"  C N N 116 
U "C4'"  C N R 117 
U "O4'"  O N N 118 
U "C3'"  C N S 119 
U "O3'"  O N N 120 
U "C2'"  C N R 121 
U "O2'"  O N N 122 
U "C1'"  C N R 123 
U N1     N N N 124 
U C2     C N N 125 
U O2     O N N 126 
U N3     N N N 127 
U C4     C N N 128 
U O4     O N N 129 
U C5     C N N 130 
U C6     C N N 131 
U HOP3   H N N 132 
U HOP2   H N N 133 
U "H5'"  H N N 134 
U "H5''" H N N 135 
U "H4'"  H N N 136 
U "H3'"  H N N 137 
U "HO3'" H N N 138 
U "H2'"  H N N 139 
U "HO2'" H N N 140 
U "H1'"  H N N 141 
U H3     H N N 142 
U H5     H N N 143 
U H6     H N N 144 
# 
loop_
_chem_comp_bond.comp_id 
_chem_comp_bond.atom_id_1 
_chem_comp_bond.atom_id_2 
_chem_comp_bond.value_order 
_chem_comp_bond.pdbx_aromatic_flag 
_chem_comp_bond.pdbx_stereo_config 
_chem_comp_bond.pdbx_ordinal 
A OP3   P      sing N N 1   
A OP3   HOP3   sing N N 2   
A P     OP1    doub N N 3   
A P     OP2    sing N N 4   
A P     "O5'"  sing N N 5   
A OP2   HOP2   sing N N 6   
A "O5'" "C5'"  sing N N 7   
A "C5'" "C4'"  sing N N 8   
A "C5'" "H5'"  sing N N 9   
A "C5'" "H5''" sing N N 10  
A "C4'" "O4'"  sing N N 11  
A "C4'" "C3'"  sing N N 12  
A "C4'" "H4'"  sing N N 13  
A "O4'" "C1'"  sing N N 14  
A "C3'" "O3'"  sing N N 15  
A "C3'" "C2'"  sing N N 16  
A "C3'" "H3'"  sing N N 17  
A "O3'" "HO3'" sing N N 18  
A "C2'" "O2'"  sing N N 19  
A "C2'" "C1'"  sing N N 20  
A "C2'" "H2'"  sing N N 21  
A "O2'" "HO2'" sing N N 22  
A "C1'" N9     sing N N 23  
A "C1'" "H1'"  sing N N 24  
A N9    C8     sing Y N 25  
A N9    C4     sing Y N 26  
A C8    N7     doub Y N 27  
A C8    H8     sing N N 28  
A N7    C5     sing Y N 29  
A C5    C6     sing Y N 30  
A C5    C4     doub Y N 31  
A C6    N6     sing N N 32  
A C6    N1     doub Y N 33  
A N6    H61    sing N N 34  
A N6    H62    sing N N 35  
A N1    C2     sing Y N 36  
A C2    N3     doub Y N 37  
A C2    H2     sing N N 38  
A N3    C4     sing Y N 39  
C OP3   P      sing N N 40  
C OP3   HOP3   sing N N 41  
C P     OP1    doub N N 42  
C P     OP2    sing N N 43  
C P     "O5'"  sing N N 44  
C OP2   HOP2   sing N N 45  
C "O5'" "C5'"  sing N N 46  
C "C5'" "C4'"  sing N N 47  
C "C5'" "H5'"  sing N N 48  
C "C5'" "H5''" sing N N 49  
C "C4'" "O4'"  sing N N 50  
C "C4'" "C3'"  sing N N 51  
C "C4'" "H4'"  sing N N 52  
C "O4'" "C1'"  sing N N 53  
C "C3'" "O3'"  sing N N 54  
C "C3'" "C2'"  sing N N 55  
C "C3'" "H3'"  sing N N 56  
C "O3'" "HO3'" sing N N 57  
C "C2'" "O2'"  sing N N 58  
C "C2'" "C1'"  sing N N 59  
C "C2'" "H2'"  sing N N 60  
C "O2'" "HO2'" sing N N 61  
C "C1'" N1     sing N N 62  
C "C1'" "H1'"  sing N N 63  
C N1    C2     sing N N 64  
C N1    C6     sing N N 65  
C C2    O2     doub N N 66  
C C2    N3     sing N N 67  
C N3    C4     doub N N 68  
C C4    N4     sing N N 69  
C C4    C5     sing N N 70  
C N4    H41    sing N N 71  
C N4    H42    sing N N 72  
C C5    C6     doub N N 73  
C C5    H5     sing N N 74  
C C6    H6     sing N N 75  
G OP3   P      sing N N 76  
G OP3   HOP3   sing N N 77  
G P     OP1    doub N N 78  
G P     OP2    sing N N 79  
G P     "O5'"  sing N N 80  
G OP2   HOP2   sing N N 81  
G "O5'" "C5'"  sing N N 82  
G "C5'" "C4'"  sing N N 83  
G "C5'" "H5'"  sing N N 84  
G "C5'" "H5''" sing N N 85  
G "C4'" "O4'"  sing N N 86  
G "C4'" "C3'"  sing N N 87  
G "C4'" "H4'"  sing N N 88  
G "O4'" "C1'"  sing N N 89  
G "C3'" "O3'"  sing N N 90  
G "C3'" "C2'"  sing N N 91  
G "C3'" "H3'"  sing N N 92  
G "O3'" "HO3'" sing N N 93  
G "C2'" "O2'"  sing N N 94  
G "C2'" "C1'"  sing N N 95  
G "C2'" "H2'"  sing N N 96  
G "O2'" "HO2'" sing N N 97  
G "C1'" N9     sing N N 98  
G "C1'" "H1'"  sing N N 99  
G N9    C8     sing Y N 100 
G N9    C4     sing Y N 101 
G C8    N7     doub Y N 102 
G C8    H8     sing N N 103 
G N7    C5     sing Y N 104 
G C5    C6     sing N N 105 
G C5    C4     doub Y N 106 
G C6    O6     doub N N 107 
G C6    N1     sing N N 108 
G N1    C2     sing N N 109 
G N1    H1     sing N N 110 
G C2    N2     sing N N 111 
G C2    N3     doub N N 112 
G N2    H21    sing N N 113 
G N2    H22    sing N N 114 
G N3    C4     sing N N 115 
U OP3   P      sing N N 116 
U OP3   HOP3   sing N N 117 
U P     OP1    doub N N 118 
U P     OP2    sing N N 119 
U P     "O5'"  sing N N 120 
U OP2   HOP2   sing N N 121 
U "O5'" "C5'"  sing N N 122 
U "C5'" "C4'"  sing N N 123 
U "C5'" "H5'"  sing N N 124 
U "C5'" "H5''" sing N N 125 
U "C4'" "O4'"  sing N N 126 
U "C4'" "C3'"  sing N N 127 
U "C4'" "H4'"  sing N N 128 
U "O4'" "C1'"  sing N N 129 
U "C3'" "O3'"  sing N N 130 
U "C3'" "C2'"  sing N N 131 
U "C3'" "H3'"  sing N N 132 
U "O3'" "HO3'" sing N N 133 
U "C2'" "O2'"  sing N N 134 
U "C2'" "C1'"  sing N N 135 
U "C2'" "H2'"  sing N N 136 
U "O2'" "HO2'" sing N N 137 
U "C1'" N1     sing N N 138 
U "C1'" "H1'"  sing N N 139 
U N1    C2     sing N N 140 
U N1    C6     sing N N 141 
U C2    O2     doub N N 142 
U C2    N3     sing N N 143 
U N3    C4     sing N N 144 
U N3    H3     sing N N 145 
U C4    O4     doub N N 146 
U C4    C5     sing N N 147 
U C5    C6     doub N N 148 
U C5    H5     sing N N 149 
U C6    H6     sing N N 150 
# 
loop_
_ndb_struct_conf_na.entry_id 
_ndb_struct_conf_na.feature 
28SR 'double helix'         
28SR 'a-form double helix'  
28SR tetraloop              
28SR 'mismatched base pair' 
28SR 'internal loop'        
# 
loop_
_ndb_struct_na_base_pair.model_number 
_ndb_struct_na_base_pair.i_label_asym_id 
_ndb_struct_na_base_pair.i_label_comp_id 
_ndb_struct_na_base_pair.i_label_seq_id 
_ndb_struct_na_base_pair.i_symmetry 
_ndb_struct_na_base_pair.j_label_asym_id 
_ndb_struct_na_base_pair.j_label_comp_id 
_ndb_struct_na_base_pair.j_label_seq_id 
_ndb_struct_na_base_pair.j_symmetry 
_ndb_struct_na_base_pair.shear 
_ndb_struct_na_base_pair.stretch 
_ndb_struct_na_base_pair.stagger 
_ndb_struct_na_base_pair.buckle 
_ndb_struct_na_base_pair.propeller 
_ndb_struct_na_base_pair.opening 
_ndb_struct_na_base_pair.pair_number 
_ndb_struct_na_base_pair.pair_name 
_ndb_struct_na_base_pair.i_auth_asym_id 
_ndb_struct_na_base_pair.i_auth_seq_id 
_ndb_struct_na_base_pair.i_PDB_ins_code 
_ndb_struct_na_base_pair.j_auth_asym_id 
_ndb_struct_na_base_pair.j_auth_seq_id 
_ndb_struct_na_base_pair.j_PDB_ins_code 
_ndb_struct_na_base_pair.hbond_type_28 
_ndb_struct_na_base_pair.hbond_type_12 
1 A G 1  1_555 A C 28 1_555 -0.128 -0.027 0.362  29.042  7.968   0.095   1  A_G1:C28_A  A 1  ? A 28 ? 19 1 
1 A G 2  1_555 A C 27 1_555 -0.638 -0.388 -0.700 2.897   -8.288  -0.483  2  A_G2:C27_A  A 2  ? A 27 ? 19 1 
1 A C 3  1_555 A G 26 1_555 0.061  -0.165 -0.159 -17.347 15.562  -4.469  3  A_C3:G26_A  A 3  ? A 26 ? 19 1 
1 A G 4  1_555 A C 25 1_555 -0.336 -0.166 0.078  8.038   3.952   -0.784  4  A_G4:C25_A  A 4  ? A 25 ? 19 1 
1 A U 5  1_555 A G 24 1_555 2.569  -0.668 -0.754 5.437   -4.714  6.270   5  A_U5:G24_A  A 5  ? A 24 ? 28 1 
1 A A 7  1_555 A G 21 1_555 -8.305 -5.221 -1.123 6.826   -7.299  -77.560 6  A_A7:G21_A  A 7  ? A 21 ? ?  ? 
1 A G 9  1_555 A A 20 1_555 -0.021 1.487  -0.398 17.676  -16.212 -15.073 7  A_G9:A20_A  A 9  ? A 20 ? 8  ? 
1 A U 10 1_555 A A 19 1_555 -0.419 0.081  -0.421 24.261  -19.058 -9.752  8  A_U10:A19_A A 10 ? A 19 ? 20 1 
1 A C 11 1_555 A G 18 1_555 0.360  -0.214 -0.111 4.109   -13.914 0.029   9  A_C11:G18_A A 11 ? A 18 ? 19 1 
1 A C 12 1_555 A G 17 1_555 0.511  -0.251 -0.058 4.568   12.108  -0.898  10 A_C12:G17_A A 12 ? A 17 ? 19 1 
1 A G 13 1_555 A A 16 1_555 7.079  -5.502 1.045  20.316  5.412   -27.886 11 A_G13:A16_A A 13 ? A 16 ? ?  ? 
# 
loop_
_ndb_struct_na_base_pair_step.model_number 
_ndb_struct_na_base_pair_step.i_label_asym_id_1 
_ndb_struct_na_base_pair_step.i_label_comp_id_1 
_ndb_struct_na_base_pair_step.i_label_seq_id_1 
_ndb_struct_na_base_pair_step.i_symmetry_1 
_ndb_struct_na_base_pair_step.j_label_asym_id_1 
_ndb_struct_na_base_pair_step.j_label_comp_id_1 
_ndb_struct_na_base_pair_step.j_label_seq_id_1 
_ndb_struct_na_base_pair_step.j_symmetry_1 
_ndb_struct_na_base_pair_step.i_label_asym_id_2 
_ndb_struct_na_base_pair_step.i_label_comp_id_2 
_ndb_struct_na_base_pair_step.i_label_seq_id_2 
_ndb_struct_na_base_pair_step.i_symmetry_2 
_ndb_struct_na_base_pair_step.j_label_asym_id_2 
_ndb_struct_na_base_pair_step.j_label_comp_id_2 
_ndb_struct_na_base_pair_step.j_label_seq_id_2 
_ndb_struct_na_base_pair_step.j_symmetry_2 
_ndb_struct_na_base_pair_step.shift 
_ndb_struct_na_base_pair_step.slide 
_ndb_struct_na_base_pair_step.rise 
_ndb_struct_na_base_pair_step.tilt 
_ndb_struct_na_base_pair_step.roll 
_ndb_struct_na_base_pair_step.twist 
_ndb_struct_na_base_pair_step.x_displacement 
_ndb_struct_na_base_pair_step.y_displacement 
_ndb_struct_na_base_pair_step.helical_rise 
_ndb_struct_na_base_pair_step.inclination 
_ndb_struct_na_base_pair_step.tip 
_ndb_struct_na_base_pair_step.helical_twist 
_ndb_struct_na_base_pair_step.step_number 
_ndb_struct_na_base_pair_step.step_name 
_ndb_struct_na_base_pair_step.i_auth_asym_id_1 
_ndb_struct_na_base_pair_step.i_auth_seq_id_1 
_ndb_struct_na_base_pair_step.i_PDB_ins_code_1 
_ndb_struct_na_base_pair_step.j_auth_asym_id_1 
_ndb_struct_na_base_pair_step.j_auth_seq_id_1 
_ndb_struct_na_base_pair_step.j_PDB_ins_code_1 
_ndb_struct_na_base_pair_step.i_auth_asym_id_2 
_ndb_struct_na_base_pair_step.i_auth_seq_id_2 
_ndb_struct_na_base_pair_step.i_PDB_ins_code_2 
_ndb_struct_na_base_pair_step.j_auth_asym_id_2 
_ndb_struct_na_base_pair_step.j_auth_seq_id_2 
_ndb_struct_na_base_pair_step.j_PDB_ins_code_2 
1 A G 1  1_555 A C 28 1_555 A G 2  1_555 A C 27 1_555 -0.671 -1.910 4.046 -4.970 42.727 19.645 -5.642 0.461  0.082 66.146  7.694   
47.094 1 AA_G1G2:C27C28_AA   A 1  ? A 28 ? A 2  ? A 27 ? 
1 A G 2  1_555 A C 27 1_555 A C 3  1_555 A G 26 1_555 -0.813 -2.008 3.746 -3.471 22.823 31.966 -5.651 0.805  2.004 36.148  5.498   
39.253 2 AA_G2C3:G26C27_AA   A 2  ? A 27 ? A 3  ? A 26 ? 
1 A C 3  1_555 A G 26 1_555 A G 4  1_555 A C 25 1_555 0.758  -1.368 2.971 0.534  -8.052 28.779 -1.036 -1.364 3.240 -15.812 -1.048  
29.866 3 AA_C3G4:C25G26_AA   A 3  ? A 26 ? A 4  ? A 25 ? 
1 A G 4  1_555 A C 25 1_555 A U 5  1_555 A G 24 1_555 0.551  -1.904 3.224 8.010  6.654  38.137 -3.568 0.087  2.917 9.959   -11.988 
39.482 4 AA_G4U5:G24C25_AA   A 4  ? A 25 ? A 5  ? A 24 ? 
1 A A 7  1_555 A G 21 1_555 A G 9  1_555 A A 20 1_555 1.414  -2.566 5.177 10.175 17.399 85.015 -2.457 -0.681 4.803 12.722  -7.439  
86.927 5 AA_A7G9:A20G21_AA   A 7  ? A 21 ? A 9  ? A 20 ? 
1 A G 9  1_555 A A 20 1_555 A U 10 1_555 A A 19 1_555 -0.036 -1.068 3.077 -1.731 1.081  28.076 -2.433 -0.304 3.032 2.225   3.562   
28.149 6 AA_G9U10:A19A20_AA  A 9  ? A 20 ? A 10 ? A 19 ? 
1 A U 10 1_555 A A 19 1_555 A C 11 1_555 A G 18 1_555 0.055  -1.385 3.587 -5.780 5.402  40.093 -2.621 -0.758 3.341 7.788   8.332   
40.835 7 AA_U10C11:G18A19_AA A 10 ? A 19 ? A 11 ? A 18 ? 
1 A C 11 1_555 A G 18 1_555 A C 12 1_555 A G 17 1_555 -0.612 -1.459 3.179 -1.960 8.797  31.309 -4.014 0.778  2.713 15.892  3.541   
32.549 8 AA_C11C12:G17G18_AA A 11 ? A 18 ? A 12 ? A 17 ? 
1 A C 12 1_555 A G 17 1_555 A G 13 1_555 A A 16 1_555 -1.359 -0.653 2.712 0.545  8.914  61.223 -0.974 1.344  2.593 8.703   -0.532  
61.808 9 AA_C12G13:A16G17_AA A 12 ? A 17 ? A 13 ? A 16 ? 
# 
_pdbx_nmr_spectrometer.spectrometer_id   1 
_pdbx_nmr_spectrometer.model             UNITYPLUS 
_pdbx_nmr_spectrometer.manufacturer      Varian 
_pdbx_nmr_spectrometer.field_strength    600 
_pdbx_nmr_spectrometer.type              ? 
# 
_atom_sites.entry_id                    28SR 
_atom_sites.fract_transf_matrix[1][1]   1.000000 
_atom_sites.fract_transf_matrix[1][2]   0.000000 
_atom_sites.fract_transf_matrix[1][3]   0.000000 
_atom_sites.fract_transf_matrix[2][1]   0.000000 
_atom_sites.fract_transf_matrix[2][2]   1.000000 
_atom_sites.fract_transf_matrix[2][3]   0.000000 
_atom_sites.fract_transf_matrix[3][1]   0.000000 
_atom_sites.fract_transf_matrix[3][2]   0.000000 
_atom_sites.fract_transf_matrix[3][3]   1.000000 
_atom_sites.fract_transf_vector[1]      0.00000 
_atom_sites.fract_transf_vector[2]      0.00000 
_atom_sites.fract_transf_vector[3]      0.00000 
# 
loop_
_atom_type.symbol 
C 
H 
N 
O 
P 
# 
loop_
_atom_site.group_PDB 
_atom_site.id 
_atom_site.type_symbol 
_atom_site.label_atom_id 
_atom_site.label_alt_id 
_atom_site.label_comp_id 
_atom_site.label_asym_id 
_atom_site.label_entity_id 
_atom_site.label_seq_id 
_atom_site.pdbx_PDB_ins_code 
_atom_site.Cartn_x 
_atom_site.Cartn_y 
_atom_site.Cartn_z 
_atom_site.occupancy 
_atom_site.B_iso_or_equiv 
_atom_site.pdbx_formal_charge 
_atom_site.auth_seq_id 
_atom_site.auth_comp_id 
_atom_site.auth_asym_id 
_atom_site.auth_atom_id 
_atom_site.pdbx_PDB_model_num 
ATOM 1   O "O5'"  . G A 1 1  ? -7.542  12.874  -10.688 1.00 0.00 ? 1  G A "O5'"  1 
ATOM 2   C "C5'"  . G A 1 1  ? -8.219  13.882  -11.427 1.00 0.00 ? 1  G A "C5'"  1 
ATOM 3   C "C4'"  . G A 1 1  ? -8.786  15.005  -10.541 1.00 0.00 ? 1  G A "C4'"  1 
ATOM 4   O "O4'"  . G A 1 1  ? -9.939  14.573  -9.840  1.00 0.00 ? 1  G A "O4'"  1 
ATOM 5   C "C3'"  . G A 1 1  ? -7.788  15.530  -9.510  1.00 0.00 ? 1  G A "C3'"  1 
ATOM 6   O "O3'"  . G A 1 1  ? -7.089  16.642  -10.044 1.00 0.00 ? 1  G A "O3'"  1 
ATOM 7   C "C2'"  . G A 1 1  ? -8.673  15.955  -8.343  1.00 0.00 ? 1  G A "C2'"  1 
ATOM 8   O "O2'"  . G A 1 1  ? -8.959  17.330  -8.497  1.00 0.00 ? 1  G A "O2'"  1 
ATOM 9   C "C1'"  . G A 1 1  ? -9.954  15.158  -8.546  1.00 0.00 ? 1  G A "C1'"  1 
ATOM 10  N N9     . G A 1 1  ? -10.231 14.089  -7.569  1.00 0.00 ? 1  G A N9     1 
ATOM 11  C C8     . G A 1 1  ? -9.812  12.784  -7.556  1.00 0.00 ? 1  G A C8     1 
ATOM 12  N N7     . G A 1 1  ? -10.504 12.011  -6.759  1.00 0.00 ? 1  G A N7     1 
ATOM 13  C C5     . G A 1 1  ? -11.394 12.892  -6.123  1.00 0.00 ? 1  G A C5     1 
ATOM 14  C C6     . G A 1 1  ? -12.367 12.709  -5.072  1.00 0.00 ? 1  G A C6     1 
ATOM 15  O O6     . G A 1 1  ? -12.726 11.686  -4.490  1.00 0.00 ? 1  G A O6     1 
ATOM 16  N N1     . G A 1 1  ? -12.967 13.896  -4.673  1.00 0.00 ? 1  G A N1     1 
ATOM 17  C C2     . G A 1 1  ? -12.704 15.110  -5.231  1.00 0.00 ? 1  G A C2     1 
ATOM 18  N N2     . G A 1 1  ? -13.320 16.162  -4.745  1.00 0.00 ? 1  G A N2     1 
ATOM 19  N N3     . G A 1 1  ? -11.840 15.312  -6.221  1.00 0.00 ? 1  G A N3     1 
ATOM 20  C C4     . G A 1 1  ? -11.201 14.170  -6.605  1.00 0.00 ? 1  G A C4     1 
ATOM 21  H "H5'"  . G A 1 1  ? -9.040  13.427  -11.981 1.00 0.00 ? 1  G A "H5'"  1 
ATOM 22  H "H5''" . G A 1 1  ? -7.520  14.320  -12.141 1.00 0.00 ? 1  G A "H5''" 1 
ATOM 23  H "H4'"  . G A 1 1  ? -9.081  15.841  -11.177 1.00 0.00 ? 1  G A "H4'"  1 
ATOM 24  H "H3'"  . G A 1 1  ? -7.124  14.734  -9.176  1.00 0.00 ? 1  G A "H3'"  1 
ATOM 25  H "H2'"  . G A 1 1  ? -8.206  15.756  -7.379  1.00 0.00 ? 1  G A "H2'"  1 
ATOM 26  H "HO2'" . G A 1 1  ? -8.215  17.656  -9.032  1.00 0.00 ? 1  G A "HO2'" 1 
ATOM 27  H "H1'"  . G A 1 1  ? -10.758 15.877  -8.443  1.00 0.00 ? 1  G A "H1'"  1 
ATOM 28  H H8     . G A 1 1  ? -8.994  12.445  -8.179  1.00 0.00 ? 1  G A H8     1 
ATOM 29  H H1     . G A 1 1  ? -13.588 13.859  -3.873  1.00 0.00 ? 1  G A H1     1 
ATOM 30  H H21    . G A 1 1  ? -13.936 16.102  -3.928  1.00 0.00 ? 1  G A H21    1 
ATOM 31  H H22    . G A 1 1  ? -13.070 17.042  -5.159  1.00 0.00 ? 1  G A H22    1 
ATOM 32  H "HO5'" . G A 1 1  ? -6.656  13.195  -10.473 1.00 0.00 ? 1  G A "HO5'" 1 
ATOM 33  P P      . G A 1 2  ? -5.536  16.855  -9.733  1.00 0.00 ? 2  G A P      1 
ATOM 34  O OP1    . G A 1 2  ? -5.075  18.027  -10.499 1.00 0.00 ? 2  G A OP1    1 
ATOM 35  O OP2    . G A 1 2  ? -4.887  15.535  -9.898  1.00 0.00 ? 2  G A OP2    1 
ATOM 36  O "O5'"  . G A 1 2  ? -5.600  17.238  -8.168  1.00 0.00 ? 2  G A "O5'"  1 
ATOM 37  C "C5'"  . G A 1 2  ? -5.312  16.258  -7.193  1.00 0.00 ? 2  G A "C5'"  1 
ATOM 38  C "C4'"  . G A 1 2  ? -5.592  16.695  -5.751  1.00 0.00 ? 2  G A "C4'"  1 
ATOM 39  O "O4'"  . G A 1 2  ? -6.981  16.777  -5.416  1.00 0.00 ? 2  G A "O4'"  1 
ATOM 40  C "C3'"  . G A 1 2  ? -5.041  15.571  -4.885  1.00 0.00 ? 2  G A "C3'"  1 
ATOM 41  O "O3'"  . G A 1 2  ? -3.648  15.685  -4.637  1.00 0.00 ? 2  G A "O3'"  1 
ATOM 42  C "C2'"  . G A 1 2  ? -5.884  15.689  -3.629  1.00 0.00 ? 2  G A "C2'"  1 
ATOM 43  O "O2'"  . G A 1 2  ? -5.294  16.495  -2.630  1.00 0.00 ? 2  G A "O2'"  1 
ATOM 44  C "C1'"  . G A 1 2  ? -7.167  16.368  -4.058  1.00 0.00 ? 2  G A "C1'"  1 
ATOM 45  N N9     . G A 1 2  ? -8.265  15.404  -3.910  1.00 0.00 ? 2  G A N9     1 
ATOM 46  C C8     . G A 1 2  ? -8.447  14.297  -4.678  1.00 0.00 ? 2  G A C8     1 
ATOM 47  N N7     . G A 1 2  ? -9.228  13.399  -4.160  1.00 0.00 ? 2  G A N7     1 
ATOM 48  C C5     . G A 1 2  ? -9.630  13.967  -2.957  1.00 0.00 ? 2  G A C5     1 
ATOM 49  C C6     . G A 1 2  ? -10.396 13.407  -1.888  1.00 0.00 ? 2  G A C6     1 
ATOM 50  O O6     . G A 1 2  ? -10.933 12.303  -1.827  1.00 0.00 ? 2  G A O6     1 
ATOM 51  N N1     . G A 1 2  ? -10.409 14.200  -0.757  1.00 0.00 ? 2  G A N1     1 
ATOM 52  C C2     . G A 1 2  ? -9.751  15.391  -0.659  1.00 0.00 ? 2  G A C2     1 
ATOM 53  N N2     . G A 1 2  ? -9.718  15.942  0.531   1.00 0.00 ? 2  G A N2     1 
ATOM 54  N N3     . G A 1 2  ? -9.054  15.958  -1.647  1.00 0.00 ? 2  G A N3     1 
ATOM 55  C C4     . G A 1 2  ? -9.023  15.191  -2.779  1.00 0.00 ? 2  G A C4     1 
ATOM 56  H "H5'"  . G A 1 2  ? -4.255  16.001  -7.284  1.00 0.00 ? 2  G A "H5'"  1 
ATOM 57  H "H5''" . G A 1 2  ? -5.891  15.359  -7.400  1.00 0.00 ? 2  G A "H5''" 1 
ATOM 58  H "H4'"  . G A 1 2  ? -5.080  17.629  -5.515  1.00 0.00 ? 2  G A "H4'"  1 
ATOM 59  H "H3'"  . G A 1 2  ? -5.284  14.613  -5.364  1.00 0.00 ? 2  G A "H3'"  1 
ATOM 60  H "H2'"  . G A 1 2  ? -6.075  14.676  -3.289  1.00 0.00 ? 2  G A "H2'"  1 
ATOM 61  H "HO2'" . G A 1 2  ? -4.450  16.055  -2.401  1.00 0.00 ? 2  G A "HO2'" 1 
ATOM 62  H "H1'"  . G A 1 2  ? -7.346  17.184  -3.365  1.00 0.00 ? 2  G A "H1'"  1 
ATOM 63  H H8     . G A 1 2  ? -7.905  14.182  -5.596  1.00 0.00 ? 2  G A H8     1 
ATOM 64  H H1     . G A 1 2  ? -10.784 13.772  0.081   1.00 0.00 ? 2  G A H1     1 
ATOM 65  H H21    . G A 1 2  ? -10.089 15.433  1.341   1.00 0.00 ? 2  G A H21    1 
ATOM 66  H H22    . G A 1 2  ? -9.178  16.783  0.614   1.00 0.00 ? 2  G A H22    1 
ATOM 67  P P      . C A 1 3  ? -2.852  14.525  -3.864  1.00 0.00 ? 3  C A P      1 
ATOM 68  O OP1    . C A 1 3  ? -1.406  14.761  -4.035  1.00 0.00 ? 3  C A OP1    1 
ATOM 69  O OP2    . C A 1 3  ? -3.457  13.238  -4.265  1.00 0.00 ? 3  C A OP2    1 
ATOM 70  O "O5'"  . C A 1 3  ? -3.258  14.806  -2.321  1.00 0.00 ? 3  C A "O5'"  1 
ATOM 71  C "C5'"  . C A 1 3  ? -2.528  15.692  -1.484  1.00 0.00 ? 3  C A "C5'"  1 
ATOM 72  C "C4'"  . C A 1 3  ? -2.946  15.498  -0.017  1.00 0.00 ? 3  C A "C4'"  1 
ATOM 73  O "O4'"  . C A 1 3  ? -4.349  15.659  0.202   1.00 0.00 ? 3  C A "O4'"  1 
ATOM 74  C "C3'"  . C A 1 3  ? -2.571  14.109  0.491   1.00 0.00 ? 3  C A "C3'"  1 
ATOM 75  O "O3'"  . C A 1 3  ? -1.231  14.068  0.976   1.00 0.00 ? 3  C A "O3'"  1 
ATOM 76  C "C2'"  . C A 1 3  ? -3.565  13.958  1.635   1.00 0.00 ? 3  C A "C2'"  1 
ATOM 77  O "O2'"  . C A 1 3  ? -3.029  14.587  2.782   1.00 0.00 ? 3  C A "O2'"  1 
ATOM 78  C "C1'"  . C A 1 3  ? -4.800  14.722  1.187   1.00 0.00 ? 3  C A "C1'"  1 
ATOM 79  N N1     . C A 1 3  ? -5.822  13.767  0.685   1.00 0.00 ? 3  C A N1     1 
ATOM 80  C C2     . C A 1 3  ? -6.496  12.914  1.578   1.00 0.00 ? 3  C A C2     1 
ATOM 81  O O2     . C A 1 3  ? -6.312  12.950  2.795   1.00 0.00 ? 3  C A O2     1 
ATOM 82  N N3     . C A 1 3  ? -7.411  12.029  1.110   1.00 0.00 ? 3  C A N3     1 
ATOM 83  C C4     . C A 1 3  ? -7.709  12.030  -0.178  1.00 0.00 ? 3  C A C4     1 
ATOM 84  N N4     . C A 1 3  ? -8.653  11.208  -0.559  1.00 0.00 ? 3  C A N4     1 
ATOM 85  C C5     . C A 1 3  ? -7.101  12.928  -1.103  1.00 0.00 ? 3  C A C5     1 
ATOM 86  C C6     . C A 1 3  ? -6.148  13.751  -0.638  1.00 0.00 ? 3  C A C6     1 
ATOM 87  H "H5'"  . C A 1 3  ? -2.701  16.726  -1.787  1.00 0.00 ? 3  C A "H5'"  1 
ATOM 88  H "H5''" . C A 1 3  ? -1.461  15.478  -1.569  1.00 0.00 ? 3  C A "H5''" 1 
ATOM 89  H "H4'"  . C A 1 3  ? -2.418  16.228  0.597   1.00 0.00 ? 3  C A "H4'"  1 
ATOM 90  H "H3'"  . C A 1 3  ? -2.764  13.363  -0.282  1.00 0.00 ? 3  C A "H3'"  1 
ATOM 91  H "H2'"  . C A 1 3  ? -3.800  12.909  1.790   1.00 0.00 ? 3  C A "H2'"  1 
ATOM 92  H "HO2'" . C A 1 3  ? -2.072  14.507  2.652   1.00 0.00 ? 3  C A "HO2'" 1 
ATOM 93  H "H1'"  . C A 1 3  ? -5.250  15.240  2.029   1.00 0.00 ? 3  C A "H1'"  1 
ATOM 94  H H41    . C A 1 3  ? -9.049  10.574  0.142   1.00 0.00 ? 3  C A H41    1 
ATOM 95  H H42    . C A 1 3  ? -9.076  11.306  -1.468  1.00 0.00 ? 3  C A H42    1 
ATOM 96  H H5     . C A 1 3  ? -7.313  13.018  -2.147  1.00 0.00 ? 3  C A H5     1 
ATOM 97  H H6     . C A 1 3  ? -5.653  14.409  -1.325  1.00 0.00 ? 3  C A H6     1 
ATOM 98  P P      . G A 1 4  ? -0.382  12.697  0.979   1.00 0.00 ? 4  G A P      1 
ATOM 99  O OP1    . G A 1 4  ? 1.025   13.033  1.278   1.00 0.00 ? 4  G A OP1    1 
ATOM 100 O OP2    . G A 1 4  ? -0.727  11.933  -0.233  1.00 0.00 ? 4  G A OP2    1 
ATOM 101 O "O5'"  . G A 1 4  ? -0.981  11.906  2.238   1.00 0.00 ? 4  G A "O5'"  1 
ATOM 102 C "C5'"  . G A 1 4  ? -0.700  12.308  3.564   1.00 0.00 ? 4  G A "C5'"  1 
ATOM 103 C "C4'"  . G A 1 4  ? -1.573  11.527  4.546   1.00 0.00 ? 4  G A "C4'"  1 
ATOM 104 O "O4'"  . G A 1 4  ? -2.947  11.826  4.296   1.00 0.00 ? 4  G A "O4'"  1 
ATOM 105 C "C3'"  . G A 1 4  ? -1.421  10.001  4.461   1.00 0.00 ? 4  G A "C3'"  1 
ATOM 106 O "O3'"  . G A 1 4  ? -0.418  9.467   5.323   1.00 0.00 ? 4  G A "O3'"  1 
ATOM 107 C "C2'"  . G A 1 4  ? -2.784  9.601   5.003   1.00 0.00 ? 4  G A "C2'"  1 
ATOM 108 O "O2'"  . G A 1 4  ? -2.745  9.648   6.417   1.00 0.00 ? 4  G A "O2'"  1 
ATOM 109 C "C1'"  . G A 1 4  ? -3.727  10.657  4.496   1.00 0.00 ? 4  G A "C1'"  1 
ATOM 110 N N9     . G A 1 4  ? -4.391  10.153  3.283   1.00 0.00 ? 4  G A N9     1 
ATOM 111 C C8     . G A 1 4  ? -3.947  10.173  1.994   1.00 0.00 ? 4  G A C8     1 
ATOM 112 N N7     . G A 1 4  ? -4.704  9.525   1.152   1.00 0.00 ? 4  G A N7     1 
ATOM 113 C C5     . G A 1 4  ? -5.681  8.947   1.969   1.00 0.00 ? 4  G A C5     1 
ATOM 114 C C6     . G A 1 4  ? -6.716  7.989   1.691   1.00 0.00 ? 4  G A C6     1 
ATOM 115 O O6     . G A 1 4  ? -7.084  7.508   0.623   1.00 0.00 ? 4  G A O6     1 
ATOM 116 N N1     . G A 1 4  ? -7.322  7.501   2.835   1.00 0.00 ? 4  G A N1     1 
ATOM 117 C C2     . G A 1 4  ? -7.097  7.982   4.083   1.00 0.00 ? 4  G A C2     1 
ATOM 118 N N2     . G A 1 4  ? -7.819  7.474   5.055   1.00 0.00 ? 4  G A N2     1 
ATOM 119 N N3     . G A 1 4  ? -6.179  8.899   4.379   1.00 0.00 ? 4  G A N3     1 
ATOM 120 C C4     . G A 1 4  ? -5.485  9.324   3.280   1.00 0.00 ? 4  G A C4     1 
ATOM 121 H "H5'"  . G A 1 4  ? -0.891  13.373  3.689   1.00 0.00 ? 4  G A "H5'"  1 
ATOM 122 H "H5''" . G A 1 4  ? 0.351   12.114  3.781   1.00 0.00 ? 4  G A "H5''" 1 
ATOM 123 H "H4'"  . G A 1 4  ? -1.332  11.837  5.562   1.00 0.00 ? 4  G A "H4'"  1 
ATOM 124 H "H3'"  . G A 1 4  ? -1.301  9.681   3.424   1.00 0.00 ? 4  G A "H3'"  1 
ATOM 125 H "H2'"  . G A 1 4  ? -3.096  8.642   4.617   1.00 0.00 ? 4  G A "H2'"  1 
ATOM 126 H "HO2'" . G A 1 4  ? -1.808  9.487   6.613   1.00 0.00 ? 4  G A "HO2'" 1 
ATOM 127 H "H1'"  . G A 1 4  ? -4.495  10.783  5.241   1.00 0.00 ? 4  G A "H1'"  1 
ATOM 128 H H8     . G A 1 4  ? -3.025  10.667  1.747   1.00 0.00 ? 4  G A H8     1 
ATOM 129 H H1     . G A 1 4  ? -7.944  6.716   2.709   1.00 0.00 ? 4  G A H1     1 
ATOM 130 H H21    . G A 1 4  ? -8.542  6.769   4.863   1.00 0.00 ? 4  G A H21    1 
ATOM 131 H H22    . G A 1 4  ? -7.679  7.875   5.963   1.00 0.00 ? 4  G A H22    1 
ATOM 132 P P      . U A 1 5  ? 0.179   7.979   5.101   1.00 0.00 ? 5  U A P      1 
ATOM 133 O OP1    . U A 1 5  ? 1.180   7.734   6.160   1.00 0.00 ? 5  U A OP1    1 
ATOM 134 O OP2    . U A 1 5  ? 0.550   7.849   3.680   1.00 0.00 ? 5  U A OP2    1 
ATOM 135 O "O5'"  . U A 1 5  ? -1.065  6.994   5.363   1.00 0.00 ? 5  U A "O5'"  1 
ATOM 136 C "C5'"  . U A 1 5  ? -1.502  6.661   6.666   1.00 0.00 ? 5  U A "C5'"  1 
ATOM 137 C "C4'"  . U A 1 5  ? -2.897  6.016   6.650   1.00 0.00 ? 5  U A "C4'"  1 
ATOM 138 O "O4'"  . U A 1 5  ? -3.825  6.730   5.856   1.00 0.00 ? 5  U A "O4'"  1 
ATOM 139 C "C3'"  . U A 1 5  ? -2.966  4.585   6.128   1.00 0.00 ? 5  U A "C3'"  1 
ATOM 140 O "O3'"  . U A 1 5  ? -2.305  3.666   6.998   1.00 0.00 ? 5  U A "O3'"  1 
ATOM 141 C "C2'"  . U A 1 5  ? -4.473  4.445   5.884   1.00 0.00 ? 5  U A "C2'"  1 
ATOM 142 O "O2'"  . U A 1 5  ? -5.254  4.398   7.073   1.00 0.00 ? 5  U A "O2'"  1 
ATOM 143 C "C1'"  . U A 1 5  ? -4.745  5.808   5.281   1.00 0.00 ? 5  U A "C1'"  1 
ATOM 144 N N1     . U A 1 5  ? -4.546  5.749   3.812   1.00 0.00 ? 5  U A N1     1 
ATOM 145 C C2     . U A 1 5  ? -5.491  5.075   3.045   1.00 0.00 ? 5  U A C2     1 
ATOM 146 O O2     . U A 1 5  ? -6.447  4.515   3.567   1.00 0.00 ? 5  U A O2     1 
ATOM 147 N N3     . U A 1 5  ? -5.311  5.063   1.673   1.00 0.00 ? 5  U A N3     1 
ATOM 148 C C4     . U A 1 5  ? -4.372  5.831   1.000   1.00 0.00 ? 5  U A C4     1 
ATOM 149 O O4     . U A 1 5  ? -4.396  5.957   -0.211  1.00 0.00 ? 5  U A O4     1 
ATOM 150 C C5     . U A 1 5  ? -3.414  6.470   1.875   1.00 0.00 ? 5  U A C5     1 
ATOM 151 C C6     . U A 1 5  ? -3.500  6.384   3.211   1.00 0.00 ? 5  U A C6     1 
ATOM 152 H "H5'"  . U A 1 5  ? -1.548  7.562   7.275   1.00 0.00 ? 5  U A "H5'"  1 
ATOM 153 H "H5''" . U A 1 5  ? -0.787  5.976   7.124   1.00 0.00 ? 5  U A "H5''" 1 
ATOM 154 H "H4'"  . U A 1 5  ? -3.270  5.999   7.673   1.00 0.00 ? 5  U A "H4'"  1 
ATOM 155 H "H3'"  . U A 1 5  ? -2.525  4.582   5.111   1.00 0.00 ? 5  U A "H3'"  1 
ATOM 156 H "H2'"  . U A 1 5  ? -4.751  3.613   5.246   1.00 0.00 ? 5  U A "H2'"  1 
ATOM 157 H "HO2'" . U A 1 5  ? -4.842  3.661   7.660   1.00 0.00 ? 5  U A "HO2'" 1 
ATOM 158 H "H1'"  . U A 1 5  ? -5.764  6.073   5.424   1.00 0.00 ? 5  U A "H1'"  1 
ATOM 159 H H3     . U A 1 5  ? -5.888  4.400   1.158   1.00 0.00 ? 5  U A H3     1 
ATOM 160 H H5     . U A 1 5  ? -2.604  7.051   1.492   1.00 0.00 ? 5  U A H5     1 
ATOM 161 H H6     . U A 1 5  ? -2.739  6.840   3.807   1.00 0.00 ? 5  U A H6     1 
ATOM 162 P P      . C A 1 6  ? -2.959  2.297   7.541   1.00 0.00 ? 6  C A P      1 
ATOM 163 O OP1    . C A 1 6  ? -4.172  2.673   8.311   1.00 0.00 ? 6  C A OP1    1 
ATOM 164 O OP2    . C A 1 6  ? -1.906  1.494   8.187   1.00 0.00 ? 6  C A OP2    1 
ATOM 165 O "O5'"  . C A 1 6  ? -3.428  1.600   6.173   1.00 0.00 ? 6  C A "O5'"  1 
ATOM 166 C "C5'"  . C A 1 6  ? -4.635  0.857   6.090   1.00 0.00 ? 6  C A "C5'"  1 
ATOM 167 C "C4'"  . C A 1 6  ? -4.874  0.334   4.667   1.00 0.00 ? 6  C A "C4'"  1 
ATOM 168 O "O4'"  . C A 1 6  ? -5.181  1.371   3.736   1.00 0.00 ? 6  C A "O4'"  1 
ATOM 169 C "C3'"  . C A 1 6  ? -3.649  -0.383  4.126   1.00 0.00 ? 6  C A "C3'"  1 
ATOM 170 O "O3'"  . C A 1 6  ? -3.541  -1.699  4.625   1.00 0.00 ? 6  C A "O3'"  1 
ATOM 171 C "C2'"  . C A 1 6  ? -3.901  -0.297  2.623   1.00 0.00 ? 6  C A "C2'"  1 
ATOM 172 O "O2'"  . C A 1 6  ? -4.657  -1.267  1.960   1.00 0.00 ? 6  C A "O2'"  1 
ATOM 173 C "C1'"  . C A 1 6  ? -4.618  1.040   2.465   1.00 0.00 ? 6  C A "C1'"  1 
ATOM 174 N N1     . C A 1 6  ? -3.669  1.995   1.873   1.00 0.00 ? 6  C A N1     1 
ATOM 175 C C2     . C A 1 6  ? -3.171  1.673   0.606   1.00 0.00 ? 6  C A C2     1 
ATOM 176 O O2     . C A 1 6  ? -3.737  0.844   -0.109  1.00 0.00 ? 6  C A O2     1 
ATOM 177 N N3     . C A 1 6  ? -1.984  2.190   0.230   1.00 0.00 ? 6  C A N3     1 
ATOM 178 C C4     . C A 1 6  ? -1.400  3.089   0.993   1.00 0.00 ? 6  C A C4     1 
ATOM 179 N N4     . C A 1 6  ? -0.181  3.368   0.646   1.00 0.00 ? 6  C A N4     1 
ATOM 180 C C5     . C A 1 6  ? -1.945  3.566   2.225   1.00 0.00 ? 6  C A C5     1 
ATOM 181 C C6     . C A 1 6  ? -3.073  2.955   2.638   1.00 0.00 ? 6  C A C6     1 
ATOM 182 H "H5'"  . C A 1 6  ? -5.479  1.480   6.385   1.00 0.00 ? 6  C A "H5'"  1 
ATOM 183 H "H5''" . C A 1 6  ? -4.568  0.006   6.769   1.00 0.00 ? 6  C A "H5''" 1 
ATOM 184 H "H4'"  . C A 1 6  ? -5.702  -0.373  4.682   1.00 0.00 ? 6  C A "H4'"  1 
ATOM 185 H "H3'"  . C A 1 6  ? -2.747  0.187   4.361   1.00 0.00 ? 6  C A "H3'"  1 
ATOM 186 H "H2'"  . C A 1 6  ? -2.926  -0.291  2.155   1.00 0.00 ? 6  C A "H2'"  1 
ATOM 187 H "HO2'" . C A 1 6  ? -4.606  -1.110  0.998   1.00 0.00 ? 6  C A "HO2'" 1 
ATOM 188 H "H1'"  . C A 1 6  ? -5.425  0.911   1.739   1.00 0.00 ? 6  C A "H1'"  1 
ATOM 189 H H41    . C A 1 6  ? 0.184   2.755   -0.079  1.00 0.00 ? 6  C A H41    1 
ATOM 190 H H42    . C A 1 6  ? 0.408   3.898   1.255   1.00 0.00 ? 6  C A H42    1 
ATOM 191 H H5     . C A 1 6  ? -1.514  4.324   2.864   1.00 0.00 ? 6  C A H5     1 
ATOM 192 H H6     . C A 1 6  ? -3.493  3.205   3.589   1.00 0.00 ? 6  C A H6     1 
ATOM 193 P P      . A A 1 7  ? -2.195  -2.512  4.371   1.00 0.00 ? 7  A A P      1 
ATOM 194 O OP1    . A A 1 7  ? -1.119  -1.857  5.139   1.00 0.00 ? 7  A A OP1    1 
ATOM 195 O OP2    . A A 1 7  ? -2.056  -2.652  2.904   1.00 0.00 ? 7  A A OP2    1 
ATOM 196 O "O5'"  . A A 1 7  ? -2.439  -3.963  5.011   1.00 0.00 ? 7  A A "O5'"  1 
ATOM 197 C "C5'"  . A A 1 7  ? -2.809  -5.074  4.220   1.00 0.00 ? 7  A A "C5'"  1 
ATOM 198 C "C4'"  . A A 1 7  ? -4.297  -5.399  4.350   1.00 0.00 ? 7  A A "C4'"  1 
ATOM 199 O "O4'"  . A A 1 7  ? -5.198  -4.473  3.750   1.00 0.00 ? 7  A A "O4'"  1 
ATOM 200 C "C3'"  . A A 1 7  ? -4.523  -6.741  3.662   1.00 0.00 ? 7  A A "C3'"  1 
ATOM 201 O "O3'"  . A A 1 7  ? -4.281  -7.868  4.486   1.00 0.00 ? 7  A A "O3'"  1 
ATOM 202 C "C2'"  . A A 1 7  ? -6.008  -6.678  3.379   1.00 0.00 ? 7  A A "C2'"  1 
ATOM 203 O "O2'"  . A A 1 7  ? -6.707  -7.068  4.546   1.00 0.00 ? 7  A A "O2'"  1 
ATOM 204 C "C1'"  . A A 1 7  ? -6.213  -5.204  3.063   1.00 0.00 ? 7  A A "C1'"  1 
ATOM 205 N N9     . A A 1 7  ? -6.007  -4.941  1.639   1.00 0.00 ? 7  A A N9     1 
ATOM 206 C C8     . A A 1 7  ? -5.124  -4.086  1.041   1.00 0.00 ? 7  A A C8     1 
ATOM 207 N N7     . A A 1 7  ? -5.302  -3.962  -0.246  1.00 0.00 ? 7  A A N7     1 
ATOM 208 C C5     . A A 1 7  ? -6.368  -4.826  -0.502  1.00 0.00 ? 7  A A C5     1 
ATOM 209 C C6     . A A 1 7  ? -7.068  -5.236  -1.651  1.00 0.00 ? 7  A A C6     1 
ATOM 210 N N6     . A A 1 7  ? -6.767  -4.812  -2.857  1.00 0.00 ? 7  A A N6     1 
ATOM 211 N N1     . A A 1 7  ? -8.066  -6.124  -1.582  1.00 0.00 ? 7  A A N1     1 
ATOM 212 C C2     . A A 1 7  ? -8.392  -6.564  -0.373  1.00 0.00 ? 7  A A C2     1 
ATOM 213 N N3     . A A 1 7  ? -7.846  -6.270  0.792   1.00 0.00 ? 7  A A N3     1 
ATOM 214 C C4     . A A 1 7  ? -6.812  -5.406  0.646   1.00 0.00 ? 7  A A C4     1 
ATOM 215 H "H5'"  . A A 1 7  ? -2.245  -5.929  4.591   1.00 0.00 ? 7  A A "H5'"  1 
ATOM 216 H "H5''" . A A 1 7  ? -2.545  -4.940  3.171   1.00 0.00 ? 7  A A "H5''" 1 
ATOM 217 H "H4'"  . A A 1 7  ? -4.546  -5.466  5.393   1.00 0.00 ? 7  A A "H4'"  1 
ATOM 218 H "H3'"  . A A 1 7  ? -3.964  -6.779  2.728   1.00 0.00 ? 7  A A "H3'"  1 
ATOM 219 H "H2'"  . A A 1 7  ? -6.265  -7.326  2.550   1.00 0.00 ? 7  A A "H2'"  1 
ATOM 220 H "HO2'" . A A 1 7  ? -6.089  -7.688  4.968   1.00 0.00 ? 7  A A "HO2'" 1 
ATOM 221 H "H1'"  . A A 1 7  ? -7.253  -4.938  3.271   1.00 0.00 ? 7  A A "H1'"  1 
ATOM 222 H H8     . A A 1 7  ? -4.377  -3.542  1.606   1.00 0.00 ? 7  A A H8     1 
ATOM 223 H H61    . A A 1 7  ? -7.240  -5.278  -3.609  1.00 0.00 ? 7  A A H61    1 
ATOM 224 H H62    . A A 1 7  ? -5.987  -4.183  -2.971  1.00 0.00 ? 7  A A H62    1 
ATOM 225 H H2     . A A 1 7  ? -9.205  -7.257  -0.288  1.00 0.00 ? 7  A A H2     1 
ATOM 226 P P      . G A 1 8  ? -3.260  -9.011  4.015   1.00 0.00 ? 8  G A P      1 
ATOM 227 O OP1    . G A 1 8  ? -3.490  -10.180 4.889   1.00 0.00 ? 8  G A OP1    1 
ATOM 228 O OP2    . G A 1 8  ? -1.925  -8.391  3.918   1.00 0.00 ? 8  G A OP2    1 
ATOM 229 O "O5'"  . G A 1 8  ? -3.814  -9.324  2.531   1.00 0.00 ? 8  G A "O5'"  1 
ATOM 230 C "C5'"  . G A 1 8  ? -5.037  -10.012 2.356   1.00 0.00 ? 8  G A "C5'"  1 
ATOM 231 C "C4'"  . G A 1 8  ? -5.549  -9.977  0.909   1.00 0.00 ? 8  G A "C4'"  1 
ATOM 232 O "O4'"  . G A 1 8  ? -5.802  -8.668  0.399   1.00 0.00 ? 8  G A "O4'"  1 
ATOM 233 C "C3'"  . G A 1 8  ? -4.702  -10.712 -0.126  1.00 0.00 ? 8  G A "C3'"  1 
ATOM 234 O "O3'"  . G A 1 8  ? -5.250  -11.888 -0.720  1.00 0.00 ? 8  G A "O3'"  1 
ATOM 235 C "C2'"  . G A 1 8  ? -4.361  -9.662  -1.149  1.00 0.00 ? 8  G A "C2'"  1 
ATOM 236 O "O2'"  . G A 1 8  ? -4.610  -10.251 -2.410  1.00 0.00 ? 8  G A "O2'"  1 
ATOM 237 C "C1'"  . G A 1 8  ? -5.434  -8.623  -0.977  1.00 0.00 ? 8  G A "C1'"  1 
ATOM 238 N N9     . G A 1 8  ? -4.630  -7.412  -1.204  1.00 0.00 ? 8  G A N9     1 
ATOM 239 C C8     . G A 1 8  ? -3.749  -6.861  -0.315  1.00 0.00 ? 8  G A C8     1 
ATOM 240 N N7     . G A 1 8  ? -3.037  -5.883  -0.788  1.00 0.00 ? 8  G A N7     1 
ATOM 241 C C5     . G A 1 8  ? -3.483  -5.786  -2.106  1.00 0.00 ? 8  G A C5     1 
ATOM 242 C C6     . G A 1 8  ? -3.191  -4.826  -3.122  1.00 0.00 ? 8  G A C6     1 
ATOM 243 O O6     . G A 1 8  ? -2.532  -3.801  -3.029  1.00 0.00 ? 8  G A O6     1 
ATOM 244 N N1     . G A 1 8  ? -3.781  -5.123  -4.338  1.00 0.00 ? 8  G A N1     1 
ATOM 245 C C2     . G A 1 8  ? -4.523  -6.237  -4.568  1.00 0.00 ? 8  G A C2     1 
ATOM 246 N N2     . G A 1 8  ? -4.933  -6.433  -5.800  1.00 0.00 ? 8  G A N2     1 
ATOM 247 N N3     . G A 1 8  ? -4.901  -7.101  -3.628  1.00 0.00 ? 8  G A N3     1 
ATOM 248 C C4     . G A 1 8  ? -4.358  -6.808  -2.406  1.00 0.00 ? 8  G A C4     1 
ATOM 249 H "H5'"  . G A 1 8  ? -5.800  -9.567  2.995   1.00 0.00 ? 8  G A "H5'"  1 
ATOM 250 H "H5''" . G A 1 8  ? -4.902  -11.052 2.661   1.00 0.00 ? 8  G A "H5''" 1 
ATOM 251 H "H4'"  . G A 1 8  ? -6.506  -10.498 0.917   1.00 0.00 ? 8  G A "H4'"  1 
ATOM 252 H "H3'"  . G A 1 8  ? -3.735  -10.850 0.357   1.00 0.00 ? 8  G A "H3'"  1 
ATOM 253 H "H2'"  . G A 1 8  ? -3.335  -9.315  -1.033  1.00 0.00 ? 8  G A "H2'"  1 
ATOM 254 H "HO2'" . G A 1 8  ? -4.895  -11.148 -2.139  1.00 0.00 ? 8  G A "HO2'" 1 
ATOM 255 H "H1'"  . G A 1 8  ? -6.261  -8.738  -1.679  1.00 0.00 ? 8  G A "H1'"  1 
ATOM 256 H H8     . G A 1 8  ? -3.671  -7.250  0.684   1.00 0.00 ? 8  G A H8     1 
ATOM 257 H H1     . G A 1 8  ? -3.595  -4.481  -5.097  1.00 0.00 ? 8  G A H1     1 
ATOM 258 H H21    . G A 1 8  ? -4.643  -5.824  -6.546  1.00 0.00 ? 8  G A H21    1 
ATOM 259 H H22    . G A 1 8  ? -5.449  -7.283  -5.938  1.00 0.00 ? 8  G A H22    1 
ATOM 260 P P      . G A 1 9  ? -4.856  -13.356 -0.184  1.00 0.00 ? 9  G A P      1 
ATOM 261 O OP1    . G A 1 9  ? -6.005  -14.236 -0.471  1.00 0.00 ? 9  G A OP1    1 
ATOM 262 O OP2    . G A 1 9  ? -4.352  -13.225 1.197   1.00 0.00 ? 9  G A OP2    1 
ATOM 263 O "O5'"  . G A 1 9  ? -3.636  -13.813 -1.152  1.00 0.00 ? 9  G A "O5'"  1 
ATOM 264 C "C5'"  . G A 1 9  ? -2.270  -13.478 -0.924  1.00 0.00 ? 9  G A "C5'"  1 
ATOM 265 C "C4'"  . G A 1 9  ? -1.769  -12.597 -2.073  1.00 0.00 ? 9  G A "C4'"  1 
ATOM 266 O "O4'"  . G A 1 9  ? -2.122  -11.249 -1.856  1.00 0.00 ? 9  G A "O4'"  1 
ATOM 267 C "C3'"  . G A 1 9  ? -0.273  -12.571 -2.356  1.00 0.00 ? 9  G A "C3'"  1 
ATOM 268 O "O3'"  . G A 1 9  ? 0.147   -13.709 -3.094  1.00 0.00 ? 9  G A "O3'"  1 
ATOM 269 C "C2'"  . G A 1 9  ? -0.181  -11.258 -3.150  1.00 0.00 ? 9  G A "C2'"  1 
ATOM 270 O "O2'"  . G A 1 9  ? -0.530  -11.428 -4.512  1.00 0.00 ? 9  G A "O2'"  1 
ATOM 271 C "C1'"  . G A 1 9  ? -1.212  -10.367 -2.490  1.00 0.00 ? 9  G A "C1'"  1 
ATOM 272 N N9     . G A 1 9  ? -0.665  -9.346  -1.568  1.00 0.00 ? 9  G A N9     1 
ATOM 273 C C8     . G A 1 9  ? -0.488  -9.422  -0.211  1.00 0.00 ? 9  G A C8     1 
ATOM 274 N N7     . G A 1 9  ? 0.013   -8.346  0.325   1.00 0.00 ? 9  G A N7     1 
ATOM 275 C C5     . G A 1 9  ? 0.115   -7.453  -0.743  1.00 0.00 ? 9  G A C5     1 
ATOM 276 C C6     . G A 1 9  ? 0.559   -6.085  -0.800  1.00 0.00 ? 9  G A C6     1 
ATOM 277 O O6     . G A 1 9  ? 1.012   -5.358  0.083   1.00 0.00 ? 9  G A O6     1 
ATOM 278 N N1     . G A 1 9  ? 0.475   -5.542  -2.066  1.00 0.00 ? 9  G A N1     1 
ATOM 279 C C2     . G A 1 9  ? -0.018  -6.199  -3.148  1.00 0.00 ? 9  G A C2     1 
ATOM 280 N N2     . G A 1 9  ? -0.154  -5.495  -4.249  1.00 0.00 ? 9  G A N2     1 
ATOM 281 N N3     . G A 1 9  ? -0.404  -7.479  -3.147  1.00 0.00 ? 9  G A N3     1 
ATOM 282 C C4     . G A 1 9  ? -0.317  -8.055  -1.907  1.00 0.00 ? 9  G A C4     1 
ATOM 283 H "H5'"  . G A 1 9  ? -1.692  -14.404 -0.917  1.00 0.00 ? 9  G A "H5'"  1 
ATOM 284 H "H5''" . G A 1 9  ? -2.132  -12.967 0.029   1.00 0.00 ? 9  G A "H5''" 1 
ATOM 285 H "H4'"  . G A 1 9  ? -2.257  -12.933 -2.988  1.00 0.00 ? 9  G A "H4'"  1 
ATOM 286 H "H3'"  . G A 1 9  ? 0.282   -12.479 -1.420  1.00 0.00 ? 9  G A "H3'"  1 
ATOM 287 H "H2'"  . G A 1 9  ? 0.809   -10.827 -3.061  1.00 0.00 ? 9  G A "H2'"  1 
ATOM 288 H "HO2'" . G A 1 9  ? 0.193   -11.975 -4.888  1.00 0.00 ? 9  G A "HO2'" 1 
ATOM 289 H "H1'"  . G A 1 9  ? -1.720  -9.829  -3.292  1.00 0.00 ? 9  G A "H1'"  1 
ATOM 290 H H8     . G A 1 9  ? -0.751  -10.299 0.360   1.00 0.00 ? 9  G A H8     1 
ATOM 291 H H1     . G A 1 9  ? 0.950   -4.658  -2.199  1.00 0.00 ? 9  G A H1     1 
ATOM 292 H H21    . G A 1 9  ? -0.146  -4.477  -4.187  1.00 0.00 ? 9  G A H21    1 
ATOM 293 H H22    . G A 1 9  ? -0.617  -5.955  -5.009  1.00 0.00 ? 9  G A H22    1 
ATOM 294 P P      . U A 1 10 ? 1.644   -13.823 -3.655  1.00 0.00 ? 10 U A P      1 
ATOM 295 O OP1    . U A 1 10 ? 1.905   -15.217 -4.058  1.00 0.00 ? 10 U A OP1    1 
ATOM 296 O OP2    . U A 1 10 ? 2.532   -13.134 -2.692  1.00 0.00 ? 10 U A OP2    1 
ATOM 297 O "O5'"  . U A 1 10 ? 1.567   -12.909 -4.987  1.00 0.00 ? 10 U A "O5'"  1 
ATOM 298 C "C5'"  . U A 1 10 ? 2.759   -12.405 -5.561  1.00 0.00 ? 10 U A "C5'"  1 
ATOM 299 C "C4'"  . U A 1 10 ? 2.537   -11.065 -6.278  1.00 0.00 ? 10 U A "C4'"  1 
ATOM 300 O "O4'"  . U A 1 10 ? 1.900   -10.096 -5.456  1.00 0.00 ? 10 U A "O4'"  1 
ATOM 301 C "C3'"  . U A 1 10 ? 3.903   -10.468 -6.588  1.00 0.00 ? 10 U A "C3'"  1 
ATOM 302 O "O3'"  . U A 1 10 ? 4.393   -10.909 -7.840  1.00 0.00 ? 10 U A "O3'"  1 
ATOM 303 C "C2'"  . U A 1 10 ? 3.586   -8.989  -6.674  1.00 0.00 ? 10 U A "C2'"  1 
ATOM 304 O "O2'"  . U A 1 10 ? 3.016   -8.745  -7.946  1.00 0.00 ? 10 U A "O2'"  1 
ATOM 305 C "C1'"  . U A 1 10 ? 2.557   -8.834  -5.578  1.00 0.00 ? 10 U A "C1'"  1 
ATOM 306 N N1     . U A 1 10 ? 3.153   -8.429  -4.281  1.00 0.00 ? 10 U A N1     1 
ATOM 307 C C2     . U A 1 10 ? 3.531   -7.090  -4.090  1.00 0.00 ? 10 U A C2     1 
ATOM 308 O O2     . U A 1 10 ? 3.624   -6.275  -5.002  1.00 0.00 ? 10 U A O2     1 
ATOM 309 N N3     . U A 1 10 ? 3.830   -6.711  -2.795  1.00 0.00 ? 10 U A N3     1 
ATOM 310 C C4     . U A 1 10 ? 3.634   -7.501  -1.679  1.00 0.00 ? 10 U A C4     1 
ATOM 311 O O4     . U A 1 10 ? 3.786   -7.043  -0.558  1.00 0.00 ? 10 U A O4     1 
ATOM 312 C C5     . U A 1 10 ? 3.340   -8.885  -1.970  1.00 0.00 ? 10 U A C5     1 
ATOM 313 C C6     . U A 1 10 ? 3.160   -9.317  -3.237  1.00 0.00 ? 10 U A C6     1 
ATOM 314 H "H5'"  . U A 1 10 ? 3.167   -13.135 -6.262  1.00 0.00 ? 10 U A "H5'"  1 
ATOM 315 H "H5''" . U A 1 10 ? 3.499   -12.253 -4.773  1.00 0.00 ? 10 U A "H5''" 1 
ATOM 316 H "H4'"  . U A 1 10 ? 1.974   -11.201 -7.196  1.00 0.00 ? 10 U A "H4'"  1 
ATOM 317 H "H3'"  . U A 1 10 ? 4.573   -10.649 -5.741  1.00 0.00 ? 10 U A "H3'"  1 
ATOM 318 H "H2'"  . U A 1 10 ? 4.446   -8.357  -6.497  1.00 0.00 ? 10 U A "H2'"  1 
ATOM 319 H "HO2'" . U A 1 10 ? 3.393   -9.453  -8.496  1.00 0.00 ? 10 U A "HO2'" 1 
ATOM 320 H "H1'"  . U A 1 10 ? 1.888   -8.049  -5.857  1.00 0.00 ? 10 U A "H1'"  1 
ATOM 321 H H3     . U A 1 10 ? 4.341   -5.845  -2.631  1.00 0.00 ? 10 U A H3     1 
ATOM 322 H H5     . U A 1 10 ? 3.253   -9.580  -1.157  1.00 0.00 ? 10 U A H5     1 
ATOM 323 H H6     . U A 1 10 ? 2.973   -10.362 -3.449  1.00 0.00 ? 10 U A H6     1 
ATOM 324 P P      . C A 1 11 ? 5.956   -11.171 -8.027  1.00 0.00 ? 11 C A P      1 
ATOM 325 O OP1    . C A 1 11 ? 6.171   -11.617 -9.417  1.00 0.00 ? 11 C A OP1    1 
ATOM 326 O OP2    . C A 1 11 ? 6.389   -12.000 -6.886  1.00 0.00 ? 11 C A OP2    1 
ATOM 327 O "O5'"  . C A 1 11 ? 6.553   -9.689  -7.847  1.00 0.00 ? 11 C A "O5'"  1 
ATOM 328 C "C5'"  . C A 1 11 ? 6.402   -8.678  -8.833  1.00 0.00 ? 11 C A "C5'"  1 
ATOM 329 C "C4'"  . C A 1 11 ? 7.078   -7.365  -8.400  1.00 0.00 ? 11 C A "C4'"  1 
ATOM 330 O "O4'"  . C A 1 11 ? 6.377   -6.677  -7.377  1.00 0.00 ? 11 C A "O4'"  1 
ATOM 331 C "C3'"  . C A 1 11 ? 8.483   -7.609  -7.850  1.00 0.00 ? 11 C A "C3'"  1 
ATOM 332 O "O3'"  . C A 1 11 ? 9.366   -7.780  -8.949  1.00 0.00 ? 11 C A "O3'"  1 
ATOM 333 C "C2'"  . C A 1 11 ? 8.721   -6.313  -7.093  1.00 0.00 ? 11 C A "C2'"  1 
ATOM 334 O "O2'"  . C A 1 11 ? 9.019   -5.297  -8.027  1.00 0.00 ? 11 C A "O2'"  1 
ATOM 335 C "C1'"  . C A 1 11 ? 7.345   -6.101  -6.504  1.00 0.00 ? 11 C A "C1'"  1 
ATOM 336 N N1     . C A 1 11 ? 7.275   -6.727  -5.170  1.00 0.00 ? 11 C A N1     1 
ATOM 337 C C2     . C A 1 11 ? 7.779   -6.016  -4.082  1.00 0.00 ? 11 C A C2     1 
ATOM 338 O O2     . C A 1 11 ? 8.433   -4.984  -4.226  1.00 0.00 ? 11 C A O2     1 
ATOM 339 N N3     . C A 1 11 ? 7.552   -6.467  -2.831  1.00 0.00 ? 11 C A N3     1 
ATOM 340 C C4     . C A 1 11 ? 6.913   -7.607  -2.667  1.00 0.00 ? 11 C A C4     1 
ATOM 341 N N4     . C A 1 11 ? 6.648   -7.949  -1.443  1.00 0.00 ? 11 C A N4     1 
ATOM 342 C C5     . C A 1 11 ? 6.461   -8.417  -3.750  1.00 0.00 ? 11 C A C5     1 
ATOM 343 C C6     . C A 1 11 ? 6.674   -7.942  -4.987  1.00 0.00 ? 11 C A C6     1 
ATOM 344 H "H5'"  . C A 1 11 ? 5.349   -8.493  -9.035  1.00 0.00 ? 11 C A "H5'"  1 
ATOM 345 H "H5''" . C A 1 11 ? 6.879   -9.025  -9.752  1.00 0.00 ? 11 C A "H5''" 1 
ATOM 346 H "H4'"  . C A 1 11 ? 7.151   -6.709  -9.267  1.00 0.00 ? 11 C A "H4'"  1 
ATOM 347 H "H3'"  . C A 1 11 ? 8.461   -8.414  -7.112  1.00 0.00 ? 11 C A "H3'"  1 
ATOM 348 H "H2'"  . C A 1 11 ? 9.452   -6.356  -6.283  1.00 0.00 ? 11 C A "H2'"  1 
ATOM 349 H "HO2'" . C A 1 11 ? 9.402   -5.777  -8.777  1.00 0.00 ? 11 C A "HO2'" 1 
ATOM 350 H "H1'"  . C A 1 11 ? 7.222   -5.052  -6.350  1.00 0.00 ? 11 C A "H1'"  1 
ATOM 351 H H41    . C A 1 11 ? 6.945   -7.311  -0.698  1.00 0.00 ? 11 C A H41    1 
ATOM 352 H H42    . C A 1 11 ? 5.942   -8.637  -1.338  1.00 0.00 ? 11 C A H42    1 
ATOM 353 H H5     . C A 1 11 ? 5.944   -9.357  -3.684  1.00 0.00 ? 11 C A H5     1 
ATOM 354 H H6     . C A 1 11 ? 6.333   -8.522  -5.826  1.00 0.00 ? 11 C A H6     1 
ATOM 355 P P      . C A 1 12 ? 10.710  -8.638  -8.799  1.00 0.00 ? 12 C A P      1 
ATOM 356 O OP1    . C A 1 12 ? 11.303  -8.716  -10.149 1.00 0.00 ? 12 C A OP1    1 
ATOM 357 O OP2    . C A 1 12 ? 10.360  -9.868  -8.067  1.00 0.00 ? 12 C A OP2    1 
ATOM 358 O "O5'"  . C A 1 12 ? 11.709  -7.799  -7.877  1.00 0.00 ? 12 C A "O5'"  1 
ATOM 359 C "C5'"  . C A 1 12 ? 12.200  -6.526  -8.242  1.00 0.00 ? 12 C A "C5'"  1 
ATOM 360 C "C4'"  . C A 1 12 ? 13.128  -5.995  -7.144  1.00 0.00 ? 12 C A "C4'"  1 
ATOM 361 O "O4'"  . C A 1 12 ? 12.372  -5.415  -6.091  1.00 0.00 ? 12 C A "O4'"  1 
ATOM 362 C "C3'"  . C A 1 12 ? 14.053  -7.052  -6.534  1.00 0.00 ? 12 C A "C3'"  1 
ATOM 363 O "O3'"  . C A 1 12 ? 15.281  -7.118  -7.252  1.00 0.00 ? 12 C A "O3'"  1 
ATOM 364 C "C2'"  . C A 1 12 ? 14.312  -6.433  -5.167  1.00 0.00 ? 12 C A "C2'"  1 
ATOM 365 O "O2'"  . C A 1 12 ? 15.358  -5.491  -5.302  1.00 0.00 ? 12 C A "O2'"  1 
ATOM 366 C "C1'"  . C A 1 12 ? 13.001  -5.729  -4.857  1.00 0.00 ? 12 C A "C1'"  1 
ATOM 367 N N1     . C A 1 12 ? 12.118  -6.517  -3.980  1.00 0.00 ? 12 C A N1     1 
ATOM 368 C C2     . C A 1 12 ? 12.207  -6.335  -2.595  1.00 0.00 ? 12 C A C2     1 
ATOM 369 O O2     . C A 1 12 ? 13.028  -5.572  -2.085  1.00 0.00 ? 12 C A O2     1 
ATOM 370 N N3     . C A 1 12 ? 11.360  -6.996  -1.774  1.00 0.00 ? 12 C A N3     1 
ATOM 371 C C4     . C A 1 12 ? 10.444  -7.790  -2.302  1.00 0.00 ? 12 C A C4     1 
ATOM 372 N N4     . C A 1 12 ? 9.699   -8.431  -1.443  1.00 0.00 ? 12 C A N4     1 
ATOM 373 C C5     . C A 1 12 ? 10.292  -7.961  -3.711  1.00 0.00 ? 12 C A C5     1 
ATOM 374 C C6     . C A 1 12 ? 11.153  -7.317  -4.515  1.00 0.00 ? 12 C A C6     1 
ATOM 375 H "H5'"  . C A 1 12 ? 11.395  -5.819  -8.413  1.00 0.00 ? 12 C A "H5'"  1 
ATOM 376 H "H5''" . C A 1 12 ? 12.777  -6.634  -9.162  1.00 0.00 ? 12 C A "H5''" 1 
ATOM 377 H "H4'"  . C A 1 12 ? 13.765  -5.221  -7.560  1.00 0.00 ? 12 C A "H4'"  1 
ATOM 378 H "H3'"  . C A 1 12 ? 13.542  -8.015  -6.414  1.00 0.00 ? 12 C A "H3'"  1 
ATOM 379 H "H2'"  . C A 1 12 ? 14.556  -7.182  -4.420  1.00 0.00 ? 12 C A "H2'"  1 
ATOM 380 H "HO2'" . C A 1 12 ? 15.845  -5.829  -6.072  1.00 0.00 ? 12 C A "HO2'" 1 
ATOM 381 H "H1'"  . C A 1 12 ? 13.212  -4.842  -4.299  1.00 0.00 ? 12 C A "H1'"  1 
ATOM 382 H H41    . C A 1 12 ? 9.895   -8.254  -0.455  1.00 0.00 ? 12 C A H41    1 
ATOM 383 H H42    . C A 1 12 ? 9.058   -9.139  -1.753  1.00 0.00 ? 12 C A H42    1 
ATOM 384 H H5     . C A 1 12 ? 9.567   -8.559  -4.212  1.00 0.00 ? 12 C A H5     1 
ATOM 385 H H6     . C A 1 12 ? 11.052  -7.424  -5.584  1.00 0.00 ? 12 C A H6     1 
ATOM 386 P P      . G A 1 13 ? 16.083  -8.498  -7.415  1.00 0.00 ? 13 G A P      1 
ATOM 387 O OP1    . G A 1 13 ? 17.401  -8.178  -8.008  1.00 0.00 ? 13 G A OP1    1 
ATOM 388 O OP2    . G A 1 13 ? 15.194  -9.486  -8.051  1.00 0.00 ? 13 G A OP2    1 
ATOM 389 O "O5'"  . G A 1 13 ? 16.301  -8.908  -5.878  1.00 0.00 ? 13 G A "O5'"  1 
ATOM 390 C "C5'"  . G A 1 13 ? 17.449  -8.492  -5.165  1.00 0.00 ? 13 G A "C5'"  1 
ATOM 391 C "C4'"  . G A 1 13 ? 17.345  -8.868  -3.686  1.00 0.00 ? 13 G A "C4'"  1 
ATOM 392 O "O4'"  . G A 1 13 ? 16.288  -8.165  -3.046  1.00 0.00 ? 13 G A "O4'"  1 
ATOM 393 C "C3'"  . G A 1 13 ? 17.070  -10.344 -3.428  1.00 0.00 ? 13 G A "C3'"  1 
ATOM 394 O "O3'"  . G A 1 13 ? 18.180  -11.181 -3.694  1.00 0.00 ? 13 G A "O3'"  1 
ATOM 395 C "C2'"  . G A 1 13 ? 16.578  -10.280 -1.975  1.00 0.00 ? 13 G A "C2'"  1 
ATOM 396 O "O2'"  . G A 1 13 ? 17.555  -10.020 -0.982  1.00 0.00 ? 13 G A "O2'"  1 
ATOM 397 C "C1'"  . G A 1 13 ? 15.724  -9.003  -2.047  1.00 0.00 ? 13 G A "C1'"  1 
ATOM 398 N N9     . G A 1 13 ? 14.350  -9.404  -2.383  1.00 0.00 ? 13 G A N9     1 
ATOM 399 C C8     . G A 1 13 ? 13.785  -9.605  -3.611  1.00 0.00 ? 13 G A C8     1 
ATOM 400 N N7     . G A 1 13 ? 12.619  -10.184 -3.569  1.00 0.00 ? 13 G A N7     1 
ATOM 401 C C5     . G A 1 13 ? 12.394  -10.383 -2.203  1.00 0.00 ? 13 G A C5     1 
ATOM 402 C C6     . G A 1 13 ? 11.290  -10.964 -1.486  1.00 0.00 ? 13 G A C6     1 
ATOM 403 O O6     . G A 1 13 ? 10.229  -11.429 -1.902  1.00 0.00 ? 13 G A O6     1 
ATOM 404 N N1     . G A 1 13 ? 11.452  -10.913 -0.115  1.00 0.00 ? 13 G A N1     1 
ATOM 405 C C2     . G A 1 13 ? 12.526  -10.364 0.503   1.00 0.00 ? 13 G A C2     1 
ATOM 406 N N2     . G A 1 13 ? 12.457  -10.302 1.808   1.00 0.00 ? 13 G A N2     1 
ATOM 407 N N3     . G A 1 13 ? 13.558  -9.795  -0.115  1.00 0.00 ? 13 G A N3     1 
ATOM 408 C C4     . G A 1 13 ? 13.433  -9.852  -1.474  1.00 0.00 ? 13 G A C4     1 
ATOM 409 H "H5'"  . G A 1 13 ? 17.564  -7.411  -5.249  1.00 0.00 ? 13 G A "H5'"  1 
ATOM 410 H "H5''" . G A 1 13 ? 18.326  -8.977  -5.596  1.00 0.00 ? 13 G A "H5''" 1 
ATOM 411 H "H4'"  . G A 1 13 ? 18.281  -8.614  -3.190  1.00 0.00 ? 13 G A "H4'"  1 
ATOM 412 H "H3'"  . G A 1 13 ? 16.231  -10.643 -4.058  1.00 0.00 ? 13 G A "H3'"  1 
ATOM 413 H "H2'"  . G A 1 13 ? 16.016  -11.183 -1.704  1.00 0.00 ? 13 G A "H2'"  1 
ATOM 414 H "HO2'" . G A 1 13 ? 17.129  -10.281 -0.124  1.00 0.00 ? 13 G A "HO2'" 1 
ATOM 415 H "H1'"  . G A 1 13 ? 15.689  -8.467  -1.099  1.00 0.00 ? 13 G A "H1'"  1 
ATOM 416 H H8     . G A 1 13 ? 14.294  -9.310  -4.517  1.00 0.00 ? 13 G A H8     1 
ATOM 417 H H1     . G A 1 13 ? 10.694  -11.211 0.451   1.00 0.00 ? 13 G A H1     1 
ATOM 418 H H21    . G A 1 13 ? 11.631  -10.556 2.317   1.00 0.00 ? 13 G A H21    1 
ATOM 419 H H22    . G A 1 13 ? 13.178  -9.722  2.232   1.00 0.00 ? 13 G A H22    1 
ATOM 420 P P      . G A 1 14 ? 17.976  -12.639 -4.355  1.00 0.00 ? 14 G A P      1 
ATOM 421 O OP1    . G A 1 14 ? 19.305  -13.122 -4.794  1.00 0.00 ? 14 G A OP1    1 
ATOM 422 O OP2    . G A 1 14 ? 16.858  -12.602 -5.316  1.00 0.00 ? 14 G A OP2    1 
ATOM 423 O "O5'"  . G A 1 14 ? 17.526  -13.523 -3.097  1.00 0.00 ? 14 G A "O5'"  1 
ATOM 424 C "C5'"  . G A 1 14 ? 18.495  -13.853 -2.140  1.00 0.00 ? 14 G A "C5'"  1 
ATOM 425 C "C4'"  . G A 1 14 ? 17.969  -14.661 -0.960  1.00 0.00 ? 14 G A "C4'"  1 
ATOM 426 O "O4'"  . G A 1 14 ? 19.077  -14.723 -0.063  1.00 0.00 ? 14 G A "O4'"  1 
ATOM 427 C "C3'"  . G A 1 14 ? 16.711  -14.174 -0.215  1.00 0.00 ? 14 G A "C3'"  1 
ATOM 428 O "O3'"  . G A 1 14 ? 15.547  -14.987 -0.439  1.00 0.00 ? 14 G A "O3'"  1 
ATOM 429 C "C2'"  . G A 1 14 ? 17.176  -14.468 1.210   1.00 0.00 ? 14 G A "C2'"  1 
ATOM 430 O "O2'"  . G A 1 14 ? 16.872  -15.816 1.510   1.00 0.00 ? 14 G A "O2'"  1 
ATOM 431 C "C1'"  . G A 1 14 ? 18.659  -14.281 1.209   1.00 0.00 ? 14 G A "C1'"  1 
ATOM 432 N N9     . G A 1 14 ? 19.128  -12.924 1.568   1.00 0.00 ? 14 G A N9     1 
ATOM 433 C C8     . G A 1 14 ? 19.354  -11.832 0.777   1.00 0.00 ? 14 G A C8     1 
ATOM 434 N N7     . G A 1 14 ? 20.092  -10.913 1.332   1.00 0.00 ? 14 G A N7     1 
ATOM 435 C C5     . G A 1 14 ? 20.252  -11.361 2.644   1.00 0.00 ? 14 G A C5     1 
ATOM 436 C C6     . G A 1 14 ? 20.888  -10.764 3.787   1.00 0.00 ? 14 G A C6     1 
ATOM 437 O O6     . G A 1 14 ? 21.546  -9.732  3.870   1.00 0.00 ? 14 G A O6     1 
ATOM 438 N N1     . G A 1 14 ? 20.702  -11.483 4.953   1.00 0.00 ? 14 G A N1     1 
ATOM 439 C C2     . G A 1 14 ? 20.012  -12.659 5.014   1.00 0.00 ? 14 G A C2     1 
ATOM 440 N N2     . G A 1 14 ? 19.877  -13.232 6.188   1.00 0.00 ? 14 G A N2     1 
ATOM 441 N N3     . G A 1 14 ? 19.461  -13.272 3.966   1.00 0.00 ? 14 G A N3     1 
ATOM 442 C C4     . G A 1 14 ? 19.598  -12.563 2.808   1.00 0.00 ? 14 G A C4     1 
ATOM 443 H "H5'"  . G A 1 14 ? 18.946  -12.934 -1.781  1.00 0.00 ? 14 G A "H5'"  1 
ATOM 444 H "H5''" . G A 1 14 ? 19.281  -14.437 -2.621  1.00 0.00 ? 14 G A "H5''" 1 
ATOM 445 H "H4'"  . G A 1 14 ? 17.733  -15.657 -1.300  1.00 0.00 ? 14 G A "H4'"  1 
ATOM 446 H "H3'"  . G A 1 14 ? 16.546  -13.112 -0.396  1.00 0.00 ? 14 G A "H3'"  1 
ATOM 447 H "H2'"  . G A 1 14 ? 16.761  -13.817 1.948   1.00 0.00 ? 14 G A "H2'"  1 
ATOM 448 H "HO2'" . G A 1 14 ? 16.124  -15.987 0.911   1.00 0.00 ? 14 G A "HO2'" 1 
ATOM 449 H "H1'"  . G A 1 14 ? 19.025  -14.915 1.989   1.00 0.00 ? 14 G A "H1'"  1 
ATOM 450 H H8     . G A 1 14 ? 18.944  -11.734 -0.211  1.00 0.00 ? 14 G A H8     1 
ATOM 451 H H1     . G A 1 14 ? 21.099  -11.068 5.772   1.00 0.00 ? 14 G A H1     1 
ATOM 452 H H21    . G A 1 14 ? 20.226  -12.831 7.038   1.00 0.00 ? 14 G A H21    1 
ATOM 453 H H22    . G A 1 14 ? 19.339  -14.082 6.168   1.00 0.00 ? 14 G A H22    1 
ATOM 454 P P      . A A 1 15 ? 14.029  -14.406 -0.395  1.00 0.00 ? 15 A A P      1 
ATOM 455 O OP1    . A A 1 15 ? 13.128  -15.524 -0.743  1.00 0.00 ? 15 A A OP1    1 
ATOM 456 O OP2    . A A 1 15 ? 14.016  -13.162 -1.185  1.00 0.00 ? 15 A A OP2    1 
ATOM 457 O "O5'"  . A A 1 15 ? 13.722  -13.989 1.138   1.00 0.00 ? 15 A A "O5'"  1 
ATOM 458 C "C5'"  . A A 1 15 ? 13.398  -14.907 2.171   1.00 0.00 ? 15 A A "C5'"  1 
ATOM 459 C "C4'"  . A A 1 15 ? 13.836  -14.327 3.528   1.00 0.00 ? 15 A A "C4'"  1 
ATOM 460 O "O4'"  . A A 1 15 ? 15.227  -14.054 3.447   1.00 0.00 ? 15 A A "O4'"  1 
ATOM 461 C "C3'"  . A A 1 15 ? 13.222  -13.001 3.974   1.00 0.00 ? 15 A A "C3'"  1 
ATOM 462 O "O3'"  . A A 1 15 ? 11.850  -12.950 4.379   1.00 0.00 ? 15 A A "O3'"  1 
ATOM 463 C "C2'"  . A A 1 15 ? 14.317  -12.548 4.934   1.00 0.00 ? 15 A A "C2'"  1 
ATOM 464 O "O2'"  . A A 1 15 ? 14.334  -13.253 6.166   1.00 0.00 ? 15 A A "O2'"  1 
ATOM 465 C "C1'"  . A A 1 15 ? 15.558  -12.892 4.189   1.00 0.00 ? 15 A A "C1'"  1 
ATOM 466 N N9     . A A 1 15 ? 15.911  -11.804 3.229   1.00 0.00 ? 15 A A N9     1 
ATOM 467 C C8     . A A 1 15 ? 15.777  -11.715 1.867   1.00 0.00 ? 15 A A C8     1 
ATOM 468 N N7     . A A 1 15 ? 16.463  -10.768 1.291   1.00 0.00 ? 15 A A N7     1 
ATOM 469 C C5     . A A 1 15 ? 17.019  -10.110 2.380   1.00 0.00 ? 15 A A C5     1 
ATOM 470 C C6     . A A 1 15 ? 17.899  -9.018  2.532   1.00 0.00 ? 15 A A C6     1 
ATOM 471 N N6     . A A 1 15 ? 18.494  -8.400  1.530   1.00 0.00 ? 15 A A N6     1 
ATOM 472 N N1     . A A 1 15 ? 18.246  -8.606  3.749   1.00 0.00 ? 15 A A N1     1 
ATOM 473 C C2     . A A 1 15 ? 17.755  -9.280  4.780   1.00 0.00 ? 15 A A C2     1 
ATOM 474 N N3     . A A 1 15 ? 16.993  -10.354 4.804   1.00 0.00 ? 15 A A N3     1 
ATOM 475 C C4     . A A 1 15 ? 16.655  -10.716 3.551   1.00 0.00 ? 15 A A C4     1 
ATOM 476 H "H5'"  . A A 1 15 ? 13.933  -15.844 2.011   1.00 0.00 ? 15 A A "H5'"  1 
ATOM 477 H "H5''" . A A 1 15 ? 12.325  -15.101 2.175   1.00 0.00 ? 15 A A "H5''" 1 
ATOM 478 H "H4'"  . A A 1 15 ? 13.670  -15.038 4.325   1.00 0.00 ? 15 A A "H4'"  1 
ATOM 479 H "H3'"  . A A 1 15 ? 13.310  -12.281 3.170   1.00 0.00 ? 15 A A "H3'"  1 
ATOM 480 H "H2'"  . A A 1 15 ? 14.439  -11.512 5.089   1.00 0.00 ? 15 A A "H2'"  1 
ATOM 481 H "HO2'" . A A 1 15 ? 13.451  -13.137 6.573   1.00 0.00 ? 15 A A "HO2'" 1 
ATOM 482 H "H1'"  . A A 1 15 ? 16.352  -12.893 4.916   1.00 0.00 ? 15 A A "H1'"  1 
ATOM 483 H H8     . A A 1 15 ? 15.292  -12.480 1.306   1.00 0.00 ? 15 A A H8     1 
ATOM 484 H H61    . A A 1 15 ? 19.190  -7.735  1.812   1.00 0.00 ? 15 A A H61    1 
ATOM 485 H H62    . A A 1 15 ? 18.533  -8.917  0.658   1.00 0.00 ? 15 A A H62    1 
ATOM 486 H H2     . A A 1 15 ? 17.921  -8.916  5.757   1.00 0.00 ? 15 A A H2     1 
ATOM 487 P P      . A A 1 16 ? 11.193  -13.766 5.612   1.00 0.00 ? 16 A A P      1 
ATOM 488 O OP1    . A A 1 16 ? 11.763  -15.125 5.667   1.00 0.00 ? 16 A A OP1    1 
ATOM 489 O OP2    . A A 1 16 ? 9.729   -13.578 5.573   1.00 0.00 ? 16 A A OP2    1 
ATOM 490 O "O5'"  . A A 1 16 ? 11.764  -12.932 6.866   1.00 0.00 ? 16 A A "O5'"  1 
ATOM 491 C "C5'"  . A A 1 16 ? 11.231  -11.654 7.187   1.00 0.00 ? 16 A A "C5'"  1 
ATOM 492 C "C4'"  . A A 1 16 ? 12.312  -10.850 7.906   1.00 0.00 ? 16 A A "C4'"  1 
ATOM 493 O "O4'"  . A A 1 16 ? 13.373  -10.736 6.986   1.00 0.00 ? 16 A A "O4'"  1 
ATOM 494 C "C3'"  . A A 1 16 ? 11.926  -9.418  8.268   1.00 0.00 ? 16 A A "C3'"  1 
ATOM 495 O "O3'"  . A A 1 16 ? 11.442  -9.288  9.597   1.00 0.00 ? 16 A A "O3'"  1 
ATOM 496 C "C2'"  . A A 1 16 ? 13.295  -8.743  8.168   1.00 0.00 ? 16 A A "C2'"  1 
ATOM 497 O "O2'"  . A A 1 16 ? 14.002  -8.924  9.382   1.00 0.00 ? 16 A A "O2'"  1 
ATOM 498 C "C1'"  . A A 1 16 ? 13.996  -9.482  7.060   1.00 0.00 ? 16 A A "C1'"  1 
ATOM 499 N N9     . A A 1 16 ? 14.074  -8.829  5.744   1.00 0.00 ? 16 A A N9     1 
ATOM 500 C C8     . A A 1 16 ? 13.639  -9.337  4.567   1.00 0.00 ? 16 A A C8     1 
ATOM 501 N N7     . A A 1 16 ? 14.020  -8.710  3.492   1.00 0.00 ? 16 A A N7     1 
ATOM 502 C C5     . A A 1 16 ? 14.834  -7.714  4.013   1.00 0.00 ? 16 A A C5     1 
ATOM 503 C C6     . A A 1 16 ? 15.655  -6.730  3.431   1.00 0.00 ? 16 A A C6     1 
ATOM 504 N N6     . A A 1 16 ? 15.722  -6.534  2.126   1.00 0.00 ? 16 A A N6     1 
ATOM 505 N N1     . A A 1 16 ? 16.507  -6.034  4.189   1.00 0.00 ? 16 A A N1     1 
ATOM 506 C C2     . A A 1 16 ? 16.531  -6.314  5.489   1.00 0.00 ? 16 A A C2     1 
ATOM 507 N N3     . A A 1 16 ? 15.781  -7.157  6.182   1.00 0.00 ? 16 A A N3     1 
ATOM 508 C C4     . A A 1 16 ? 14.929  -7.828  5.375   1.00 0.00 ? 16 A A C4     1 
ATOM 509 H "H5'"  . A A 1 16 ? 10.346  -11.758 7.814   1.00 0.00 ? 16 A A "H5'"  1 
ATOM 510 H "H5''" . A A 1 16 ? 10.954  -11.128 6.271   1.00 0.00 ? 16 A A "H5''" 1 
ATOM 511 H "H4'"  . A A 1 16 ? 12.653  -11.374 8.799   1.00 0.00 ? 16 A A "H4'"  1 
ATOM 512 H "H3'"  . A A 1 16 ? 11.235  -9.029  7.521   1.00 0.00 ? 16 A A "H3'"  1 
ATOM 513 H "H2'"  . A A 1 16 ? 13.230  -7.708  7.913   1.00 0.00 ? 16 A A "H2'"  1 
ATOM 514 H "HO2'" . A A 1 16 ? 13.314  -8.898  10.065  1.00 0.00 ? 16 A A "HO2'" 1 
ATOM 515 H "H1'"  . A A 1 16 ? 15.009  -9.597  7.329   1.00 0.00 ? 16 A A "H1'"  1 
ATOM 516 H H8     . A A 1 16 ? 13.110  -10.261 4.601   1.00 0.00 ? 16 A A H8     1 
ATOM 517 H H61    . A A 1 16 ? 16.394  -5.867  1.795   1.00 0.00 ? 16 A A H61    1 
ATOM 518 H H62    . A A 1 16 ? 15.105  -7.079  1.537   1.00 0.00 ? 16 A A H62    1 
ATOM 519 H H2     . A A 1 16 ? 17.306  -5.887  6.083   1.00 0.00 ? 16 A A H2     1 
ATOM 520 P P      . G A 1 17 ? 10.592  -8.001  10.063  1.00 0.00 ? 17 G A P      1 
ATOM 521 O OP1    . G A 1 17 ? 10.599  -7.982  11.539  1.00 0.00 ? 17 G A OP1    1 
ATOM 522 O OP2    . G A 1 17 ? 9.314   -8.036  9.325   1.00 0.00 ? 17 G A OP2    1 
ATOM 523 O "O5'"  . G A 1 17 ? 11.470  -6.744  9.545   1.00 0.00 ? 17 G A "O5'"  1 
ATOM 524 C "C5'"  . G A 1 17 ? 10.915  -5.792  8.651   1.00 0.00 ? 17 G A "C5'"  1 
ATOM 525 C "C4'"  . G A 1 17 ? 11.970  -4.906  7.966   1.00 0.00 ? 17 G A "C4'"  1 
ATOM 526 O "O4'"  . G A 1 17 ? 12.811  -5.687  7.126   1.00 0.00 ? 17 G A "O4'"  1 
ATOM 527 C "C3'"  . G A 1 17 ? 11.244  -3.947  7.039   1.00 0.00 ? 17 G A "C3'"  1 
ATOM 528 O "O3'"  . G A 1 17 ? 10.934  -2.697  7.630   1.00 0.00 ? 17 G A "O3'"  1 
ATOM 529 C "C2'"  . G A 1 17 ? 12.350  -3.730  6.011   1.00 0.00 ? 17 G A "C2'"  1 
ATOM 530 O "O2'"  . G A 1 17 ? 13.305  -2.833  6.552   1.00 0.00 ? 17 G A "O2'"  1 
ATOM 531 C "C1'"  . G A 1 17 ? 12.993  -5.078  5.857   1.00 0.00 ? 17 G A "C1'"  1 
ATOM 532 N N9     . G A 1 17 ? 12.252  -5.952  4.908   1.00 0.00 ? 17 G A N9     1 
ATOM 533 C C8     . G A 1 17 ? 11.542  -7.070  5.242   1.00 0.00 ? 17 G A C8     1 
ATOM 534 N N7     . G A 1 17 ? 10.950  -7.684  4.265   1.00 0.00 ? 17 G A N7     1 
ATOM 535 C C5     . G A 1 17 ? 11.369  -6.954  3.153   1.00 0.00 ? 17 G A C5     1 
ATOM 536 C C6     . G A 1 17 ? 11.139  -7.183  1.758   1.00 0.00 ? 17 G A C6     1 
ATOM 537 O O6     . G A 1 17 ? 10.425  -8.022  1.212   1.00 0.00 ? 17 G A O6     1 
ATOM 538 N N1     . G A 1 17 ? 11.864  -6.333  0.947   1.00 0.00 ? 17 G A N1     1 
ATOM 539 C C2     . G A 1 17 ? 12.704  -5.368  1.411   1.00 0.00 ? 17 G A C2     1 
ATOM 540 N N2     . G A 1 17 ? 13.393  -4.708  0.509   1.00 0.00 ? 17 G A N2     1 
ATOM 541 N N3     . G A 1 17 ? 12.909  -5.090  2.703   1.00 0.00 ? 17 G A N3     1 
ATOM 542 C C4     . G A 1 17 ? 12.216  -5.927  3.532   1.00 0.00 ? 17 G A C4     1 
ATOM 543 H "H5'"  . G A 1 17 ? 10.210  -5.162  9.195   1.00 0.00 ? 17 G A "H5'"  1 
ATOM 544 H "H5''" . G A 1 17 ? 10.358  -6.317  7.873   1.00 0.00 ? 17 G A "H5''" 1 
ATOM 545 H "H4'"  . G A 1 17 ? 12.552  -4.326  8.666   1.00 0.00 ? 17 G A "H4'"  1 
ATOM 546 H "H3'"  . G A 1 17 ? 10.382  -4.449  6.600   1.00 0.00 ? 17 G A "H3'"  1 
ATOM 547 H "H2'"  . G A 1 17 ? 12.009  -3.375  5.067   1.00 0.00 ? 17 G A "H2'"  1 
ATOM 548 H "HO2'" . G A 1 17 ? 12.781  -2.273  7.143   1.00 0.00 ? 17 G A "HO2'" 1 
ATOM 549 H "H1'"  . G A 1 17 ? 14.014  -4.947  5.532   1.00 0.00 ? 17 G A "H1'"  1 
ATOM 550 H H8     . G A 1 17 ? 11.567  -7.416  6.255   1.00 0.00 ? 17 G A H8     1 
ATOM 551 H H1     . G A 1 17 ? 11.741  -6.465  -0.049  1.00 0.00 ? 17 G A H1     1 
ATOM 552 H H21    . G A 1 17 ? 13.281  -4.928  -0.488  1.00 0.00 ? 17 G A H21    1 
ATOM 553 H H22    . G A 1 17 ? 14.038  -4.024  0.851   1.00 0.00 ? 17 G A H22    1 
ATOM 554 P P      . G A 1 18 ? 9.629   -1.884  7.160   1.00 0.00 ? 18 G A P      1 
ATOM 555 O OP1    . G A 1 18 ? 9.473   -0.736  8.076   1.00 0.00 ? 18 G A OP1    1 
ATOM 556 O OP2    . G A 1 18 ? 8.530   -2.853  6.978   1.00 0.00 ? 18 G A OP2    1 
ATOM 557 O "O5'"  . G A 1 18 ? 10.091  -1.338  5.724   1.00 0.00 ? 18 G A "O5'"  1 
ATOM 558 C "C5'"  . G A 1 18 ? 11.172  -0.435  5.571   1.00 0.00 ? 18 G A "C5'"  1 
ATOM 559 C "C4'"  . G A 1 18 ? 11.625  -0.412  4.106   1.00 0.00 ? 18 G A "C4'"  1 
ATOM 560 O "O4'"  . G A 1 18 ? 11.986  -1.712  3.644   1.00 0.00 ? 18 G A "O4'"  1 
ATOM 561 C "C3'"  . G A 1 18 ? 10.513  0.079   3.189   1.00 0.00 ? 18 G A "C3'"  1 
ATOM 562 O "O3'"  . G A 1 18 ? 10.581  1.496   3.070   1.00 0.00 ? 18 G A "O3'"  1 
ATOM 563 C "C2'"  . G A 1 18 ? 10.956  -0.595  1.895   1.00 0.00 ? 18 G A "C2'"  1 
ATOM 564 O "O2'"  . G A 1 18 ? 11.992  0.187   1.332   1.00 0.00 ? 18 G A "O2'"  1 
ATOM 565 C "C1'"  . G A 1 18 ? 11.521  -1.929  2.321   1.00 0.00 ? 18 G A "C1'"  1 
ATOM 566 N N9     . G A 1 18 ? 10.497  -3.011  2.261   1.00 0.00 ? 18 G A N9     1 
ATOM 567 C C8     . G A 1 18 ? 9.904   -3.731  3.272   1.00 0.00 ? 18 G A C8     1 
ATOM 568 N N7     . G A 1 18 ? 9.062   -4.642  2.868   1.00 0.00 ? 18 G A N7     1 
ATOM 569 C C5     . G A 1 18 ? 9.118   -4.555  1.477   1.00 0.00 ? 18 G A C5     1 
ATOM 570 C C6     . G A 1 18 ? 8.466   -5.323  0.451   1.00 0.00 ? 18 G A C6     1 
ATOM 571 O O6     . G A 1 18 ? 7.638   -6.228  0.541   1.00 0.00 ? 18 G A O6     1 
ATOM 572 N N1     . G A 1 18 ? 8.862   -4.961  -0.821  1.00 0.00 ? 18 G A N1     1 
ATOM 573 C C2     . G A 1 18 ? 9.800   -4.013  -1.094  1.00 0.00 ? 18 G A C2     1 
ATOM 574 N N2     . G A 1 18 ? 10.055  -3.771  -2.360  1.00 0.00 ? 18 G A N2     1 
ATOM 575 N N3     . G A 1 18 ? 10.420  -3.280  -0.172  1.00 0.00 ? 18 G A N3     1 
ATOM 576 C C4     . G A 1 18 ? 10.031  -3.590  1.102   1.00 0.00 ? 18 G A C4     1 
ATOM 577 H "H5'"  . G A 1 18 ? 12.010  -0.726  6.196   1.00 0.00 ? 18 G A "H5'"  1 
ATOM 578 H "H5''" . G A 1 18 ? 10.849  0.564   5.867   1.00 0.00 ? 18 G A "H5''" 1 
ATOM 579 H "H4'"  . G A 1 18 ? 12.484  0.250   4.002   1.00 0.00 ? 18 G A "H4'"  1 
ATOM 580 H "H3'"  . G A 1 18 ? 9.538   -0.286  3.514   1.00 0.00 ? 18 G A "H3'"  1 
ATOM 581 H "H2'"  . G A 1 18 ? 10.142  -0.752  1.205   1.00 0.00 ? 18 G A "H2'"  1 
ATOM 582 H "HO2'" . G A 1 18 ? 11.807  1.067   1.695   1.00 0.00 ? 18 G A "HO2'" 1 
ATOM 583 H "H1'"  . G A 1 18 ? 12.307  -2.181  1.616   1.00 0.00 ? 18 G A "H1'"  1 
ATOM 584 H H8     . G A 1 18 ? 10.141  -3.612  4.316   1.00 0.00 ? 18 G A H8     1 
ATOM 585 H H1     . G A 1 18 ? 8.428   -5.469  -1.583  1.00 0.00 ? 18 G A H1     1 
ATOM 586 H H21    . G A 1 18 ? 9.491   -4.208  -3.099  1.00 0.00 ? 18 G A H21    1 
ATOM 587 H H22    . G A 1 18 ? 10.778  -3.102  -2.543  1.00 0.00 ? 18 G A H22    1 
ATOM 588 P P      . A A 1 19 ? 9.261   2.362   2.772   1.00 0.00 ? 19 A A P      1 
ATOM 589 O OP1    . A A 1 19 ? 9.662   3.784   2.750   1.00 0.00 ? 19 A A OP1    1 
ATOM 590 O OP2    . A A 1 19 ? 8.185   1.892   3.662   1.00 0.00 ? 19 A A OP2    1 
ATOM 591 O "O5'"  . A A 1 19 ? 8.956   1.881   1.275   1.00 0.00 ? 19 A A "O5'"  1 
ATOM 592 C "C5'"  . A A 1 19 ? 9.776   2.315   0.210   1.00 0.00 ? 19 A A "C5'"  1 
ATOM 593 C "C4'"  . A A 1 19 ? 9.463   1.555   -1.075  1.00 0.00 ? 19 A A "C4'"  1 
ATOM 594 O "O4'"  . A A 1 19 ? 9.720   0.164   -0.896  1.00 0.00 ? 19 A A "O4'"  1 
ATOM 595 C "C3'"  . A A 1 19 ? 8.020   1.653   -1.536  1.00 0.00 ? 19 A A "C3'"  1 
ATOM 596 O "O3'"  . A A 1 19 ? 7.798   2.727   -2.438  1.00 0.00 ? 19 A A "O3'"  1 
ATOM 597 C "C2'"  . A A 1 19 ? 7.943   0.403   -2.391  1.00 0.00 ? 19 A A "C2'"  1 
ATOM 598 O "O2'"  . A A 1 19 ? 8.497   0.661   -3.663  1.00 0.00 ? 19 A A "O2'"  1 
ATOM 599 C "C1'"  . A A 1 19 ? 8.765   -0.593  -1.621  1.00 0.00 ? 19 A A "C1'"  1 
ATOM 600 N N9     . A A 1 19 ? 7.827   -1.394  -0.803  1.00 0.00 ? 19 A A N9     1 
ATOM 601 C C8     . A A 1 19 ? 7.611   -1.413  0.552   1.00 0.00 ? 19 A A C8     1 
ATOM 602 N N7     . A A 1 19 ? 6.735   -2.304  0.936   1.00 0.00 ? 19 A A N7     1 
ATOM 603 C C5     . A A 1 19 ? 6.321   -2.891  -0.266  1.00 0.00 ? 19 A A C5     1 
ATOM 604 C C6     . A A 1 19 ? 5.441   -3.940  -0.611  1.00 0.00 ? 19 A A C6     1 
ATOM 605 N N6     . A A 1 19 ? 4.785   -4.648  0.283   1.00 0.00 ? 19 A A N6     1 
ATOM 606 N N1     . A A 1 19 ? 5.256   -4.297  -1.892  1.00 0.00 ? 19 A A N1     1 
ATOM 607 C C2     . A A 1 19 ? 5.923   -3.621  -2.818  1.00 0.00 ? 19 A A C2     1 
ATOM 608 N N3     . A A 1 19 ? 6.791   -2.631  -2.645  1.00 0.00 ? 19 A A N3     1 
ATOM 609 C C4     . A A 1 19 ? 6.956   -2.318  -1.328  1.00 0.00 ? 19 A A C4     1 
ATOM 610 H "H5'"  . A A 1 19 ? 10.825  2.180   0.456   1.00 0.00 ? 19 A A "H5'"  1 
ATOM 611 H "H5''" . A A 1 19 ? 9.599   3.379   0.044   1.00 0.00 ? 19 A A "H5''" 1 
ATOM 612 H "H4'"  . A A 1 19 ? 10.101  1.928   -1.875  1.00 0.00 ? 19 A A "H4'"  1 
ATOM 613 H "H3'"  . A A 1 19 ? 7.329   1.568   -0.689  1.00 0.00 ? 19 A A "H3'"  1 
ATOM 614 H "H2'"  . A A 1 19 ? 6.920   0.067   -2.472  1.00 0.00 ? 19 A A "H2'"  1 
ATOM 615 H "HO2'" . A A 1 19 ? 8.218   1.582   -3.805  1.00 0.00 ? 19 A A "HO2'" 1 
ATOM 616 H "H1'"  . A A 1 19 ? 9.244   -1.257  -2.326  1.00 0.00 ? 19 A A "H1'"  1 
ATOM 617 H H8     . A A 1 19 ? 8.143   -0.772  1.240   1.00 0.00 ? 19 A A H8     1 
ATOM 618 H H61    . A A 1 19 ? 4.300   -5.488  -0.036  1.00 0.00 ? 19 A A H61    1 
ATOM 619 H H62    . A A 1 19 ? 4.947   -4.447  1.253   1.00 0.00 ? 19 A A H62    1 
ATOM 620 H H2     . A A 1 19 ? 5.734   -3.924  -3.839  1.00 0.00 ? 19 A A H2     1 
ATOM 621 P P      . A A 1 20 ? 7.191   4.117   -1.973  1.00 0.00 ? 20 A A P      1 
ATOM 622 O OP1    . A A 1 20 ? 8.322   5.023   -1.687  1.00 0.00 ? 20 A A OP1    1 
ATOM 623 O OP2    . A A 1 20 ? 6.158   3.850   -0.950  1.00 0.00 ? 20 A A OP2    1 
ATOM 624 O "O5'"  . A A 1 20 ? 6.460   4.604   -3.329  1.00 0.00 ? 20 A A "O5'"  1 
ATOM 625 C "C5'"  . A A 1 20 ? 5.177   4.123   -3.703  1.00 0.00 ? 20 A A "C5'"  1 
ATOM 626 C "C4'"  . A A 1 20 ? 5.193   2.905   -4.643  1.00 0.00 ? 20 A A "C4'"  1 
ATOM 627 O "O4'"  . A A 1 20 ? 5.743   1.727   -4.064  1.00 0.00 ? 20 A A "O4'"  1 
ATOM 628 C "C3'"  . A A 1 20 ? 3.749   2.551   -4.974  1.00 0.00 ? 20 A A "C3'"  1 
ATOM 629 O "O3'"  . A A 1 20 ? 3.231   3.323   -6.046  1.00 0.00 ? 20 A A "O3'"  1 
ATOM 630 C "C2'"  . A A 1 20 ? 3.866   1.075   -5.315  1.00 0.00 ? 20 A A "C2'"  1 
ATOM 631 O "O2'"  . A A 1 20 ? 4.206   0.893   -6.678  1.00 0.00 ? 20 A A "O2'"  1 
ATOM 632 C "C1'"  . A A 1 20 ? 4.959   0.583   -4.390  1.00 0.00 ? 20 A A "C1'"  1 
ATOM 633 N N9     . A A 1 20 ? 4.391   -0.020  -3.163  1.00 0.00 ? 20 A A N9     1 
ATOM 634 C C8     . A A 1 20 ? 4.510   0.415   -1.872  1.00 0.00 ? 20 A A C8     1 
ATOM 635 N N7     . A A 1 20 ? 3.927   -0.345  -0.986  1.00 0.00 ? 20 A A N7     1 
ATOM 636 C C5     . A A 1 20 ? 3.346   -1.352  -1.761  1.00 0.00 ? 20 A A C5     1 
ATOM 637 C C6     . A A 1 20 ? 2.527   -2.474  -1.486  1.00 0.00 ? 20 A A C6     1 
ATOM 638 N N6     . A A 1 20 ? 2.091   -2.804  -0.282  1.00 0.00 ? 20 A A N6     1 
ATOM 639 N N1     . A A 1 20 ? 2.140   -3.283  -2.481  1.00 0.00 ? 20 A A N1     1 
ATOM 640 C C2     . A A 1 20 ? 2.569   -3.019  -3.709  1.00 0.00 ? 20 A A C2     1 
ATOM 641 N N3     . A A 1 20 ? 3.318   -1.999  -4.116  1.00 0.00 ? 20 A A N3     1 
ATOM 642 C C4     . A A 1 20 ? 3.671   -1.188  -3.083  1.00 0.00 ? 20 A A C4     1 
ATOM 643 H "H5'"  . A A 1 20 ? 4.668   4.932   -4.228  1.00 0.00 ? 20 A A "H5'"  1 
ATOM 644 H "H5''" . A A 1 20 ? 4.588   3.891   -2.814  1.00 0.00 ? 20 A A "H5''" 1 
ATOM 645 H "H4'"  . A A 1 20 ? 5.725   3.144   -5.563  1.00 0.00 ? 20 A A "H4'"  1 
ATOM 646 H "H3'"  . A A 1 20 ? 3.146   2.666   -4.073  1.00 0.00 ? 20 A A "H3'"  1 
ATOM 647 H "H2'"  . A A 1 20 ? 2.962   0.553   -5.060  1.00 0.00 ? 20 A A "H2'"  1 
ATOM 648 H "HO2'" . A A 1 20 ? 3.594   1.467   -7.163  1.00 0.00 ? 20 A A "HO2'" 1 
ATOM 649 H "H1'"  . A A 1 20 ? 5.518   -0.193  -4.903  1.00 0.00 ? 20 A A "H1'"  1 
ATOM 650 H H8     . A A 1 20 ? 5.086   1.298   -1.658  1.00 0.00 ? 20 A A H8     1 
ATOM 651 H H61    . A A 1 20 ? 1.597   -3.691  -0.164  1.00 0.00 ? 20 A A H61    1 
ATOM 652 H H62    . A A 1 20 ? 2.346   -2.224  0.499   1.00 0.00 ? 20 A A H62    1 
ATOM 653 H H2     . A A 1 20 ? 2.218   -3.673  -4.487  1.00 0.00 ? 20 A A H2     1 
ATOM 654 P P      . G A 1 21 ? 1.650   3.429   -6.288  1.00 0.00 ? 21 G A P      1 
ATOM 655 O OP1    . G A 1 21 ? 1.409   4.505   -7.269  1.00 0.00 ? 21 G A OP1    1 
ATOM 656 O OP2    . G A 1 21 ? 1.022   3.502   -4.946  1.00 0.00 ? 21 G A OP2    1 
ATOM 657 O "O5'"  . G A 1 21 ? 1.327   2.011   -7.016  1.00 0.00 ? 21 G A "O5'"  1 
ATOM 658 C "C5'"  . G A 1 21 ? 0.032   1.408   -6.990  1.00 0.00 ? 21 G A "C5'"  1 
ATOM 659 C "C4'"  . G A 1 21 ? 0.020   0.177   -6.064  1.00 0.00 ? 21 G A "C4'"  1 
ATOM 660 O "O4'"  . G A 1 21 ? 0.745   0.416   -4.889  1.00 0.00 ? 21 G A "O4'"  1 
ATOM 661 C "C3'"  . G A 1 21 ? -1.345  -0.430  -5.661  1.00 0.00 ? 21 G A "C3'"  1 
ATOM 662 O "O3'"  . G A 1 21 ? -1.834  -1.167  -6.792  1.00 0.00 ? 21 G A "O3'"  1 
ATOM 663 C "C2'"  . G A 1 21 ? -0.894  -1.209  -4.440  1.00 0.00 ? 21 G A "C2'"  1 
ATOM 664 O "O2'"  . G A 1 21 ? -0.519  -2.565  -4.675  1.00 0.00 ? 21 G A "O2'"  1 
ATOM 665 C "C1'"  . G A 1 21 ? 0.247   -0.414  -3.881  1.00 0.00 ? 21 G A "C1'"  1 
ATOM 666 N N9     . G A 1 21 ? 0.176   0.229   -2.578  1.00 0.00 ? 21 G A N9     1 
ATOM 667 C C8     . G A 1 21 ? 1.037   1.205   -2.198  1.00 0.00 ? 21 G A C8     1 
ATOM 668 N N7     . G A 1 21 ? 1.154   1.340   -0.904  1.00 0.00 ? 21 G A N7     1 
ATOM 669 C C5     . G A 1 21 ? 0.301   0.344   -0.387  1.00 0.00 ? 21 G A C5     1 
ATOM 670 C C6     . G A 1 21 ? -0.004  -0.073  0.962   1.00 0.00 ? 21 G A C6     1 
ATOM 671 O O6     . G A 1 21 ? 0.424   0.366   2.022   1.00 0.00 ? 21 G A O6     1 
ATOM 672 N N1     . G A 1 21 ? -0.925  -1.111  1.021   1.00 0.00 ? 21 G A N1     1 
ATOM 673 C C2     . G A 1 21 ? -1.517  -1.646  -0.067  1.00 0.00 ? 21 G A C2     1 
ATOM 674 N N2     . G A 1 21 ? -2.471  -2.479  0.242   1.00 0.00 ? 21 G A N2     1 
ATOM 675 N N3     . G A 1 21 ? -1.233  -1.328  -1.323  1.00 0.00 ? 21 G A N3     1 
ATOM 676 C C4     . G A 1 21 ? -0.326  -0.314  -1.421  1.00 0.00 ? 21 G A C4     1 
ATOM 677 H "H5'"  . G A 1 21 ? -0.215  1.073   -7.996  1.00 0.00 ? 21 G A "H5'"  1 
ATOM 678 H "H5''" . G A 1 21 ? -0.724  2.133   -6.699  1.00 0.00 ? 21 G A "H5''" 1 
ATOM 679 H "H4'"  . G A 1 21 ? 0.610   -0.594  -6.533  1.00 0.00 ? 21 G A "H4'"  1 
ATOM 680 H "H3'"  . G A 1 21 ? -2.096  0.240   -5.283  1.00 0.00 ? 21 G A "H3'"  1 
ATOM 681 H "H2'"  . G A 1 21 ? -1.657  -0.968  -3.678  1.00 0.00 ? 21 G A "H2'"  1 
ATOM 682 H "HO2'" . G A 1 21 ? -1.288  -2.993  -5.178  1.00 0.00 ? 21 G A "HO2'" 1 
ATOM 683 H "H1'"  . G A 1 21 ? 0.997   -1.183  -3.738  1.00 0.00 ? 21 G A "H1'"  1 
ATOM 684 H H8     . G A 1 21 ? 1.592   1.708   -2.988  1.00 0.00 ? 21 G A H8     1 
ATOM 685 H H1     . G A 1 21 ? -1.279  -1.542  1.889   1.00 0.00 ? 21 G A H1     1 
ATOM 686 H H21    . G A 1 21 ? -2.632  -2.577  1.257   1.00 0.00 ? 21 G A H21    1 
ATOM 687 H H22    . G A 1 21 ? -2.951  -2.994  -0.487  1.00 0.00 ? 21 G A H22    1 
ATOM 688 P P      . C A 1 22 ? -2.931  -2.362  -6.749  1.00 0.00 ? 22 C A P      1 
ATOM 689 O OP1    . C A 1 22 ? -2.326  -3.514  -6.043  1.00 0.00 ? 22 C A OP1    1 
ATOM 690 O OP2    . C A 1 22 ? -3.473  -2.554  -8.108  1.00 0.00 ? 22 C A OP2    1 
ATOM 691 O "O5'"  . C A 1 22 ? -4.102  -1.821  -5.819  1.00 0.00 ? 22 C A "O5'"  1 
ATOM 692 C "C5'"  . C A 1 22 ? -4.883  -0.708  -6.194  1.00 0.00 ? 22 C A "C5'"  1 
ATOM 693 C "C4'"  . C A 1 22 ? -5.598  -0.190  -4.949  1.00 0.00 ? 22 C A "C4'"  1 
ATOM 694 O "O4'"  . C A 1 22 ? -4.669  0.093   -3.925  1.00 0.00 ? 22 C A "O4'"  1 
ATOM 695 C "C3'"  . C A 1 22 ? -6.330  1.113   -5.219  1.00 0.00 ? 22 C A "C3'"  1 
ATOM 696 O "O3'"  . C A 1 22 ? -7.520  0.759   -5.886  1.00 0.00 ? 22 C A "O3'"  1 
ATOM 697 C "C2'"  . C A 1 22 ? -6.416  1.726   -3.806  1.00 0.00 ? 22 C A "C2'"  1 
ATOM 698 O "O2'"  . C A 1 22 ? -7.497  1.240   -3.034  1.00 0.00 ? 22 C A "O2'"  1 
ATOM 699 C "C1'"  . C A 1 22 ? -5.083  1.242   -3.203  1.00 0.00 ? 22 C A "C1'"  1 
ATOM 700 N N1     . C A 1 22 ? -4.045  2.302   -3.265  1.00 0.00 ? 22 C A N1     1 
ATOM 701 C C2     . C A 1 22 ? -3.885  3.214   -2.219  1.00 0.00 ? 22 C A C2     1 
ATOM 702 O O2     . C A 1 22 ? -4.806  3.380   -1.428  1.00 0.00 ? 22 C A O2     1 
ATOM 703 N N3     . C A 1 22 ? -2.716  3.918   -2.119  1.00 0.00 ? 22 C A N3     1 
ATOM 704 C C4     . C A 1 22 ? -1.742  3.671   -2.981  1.00 0.00 ? 22 C A C4     1 
ATOM 705 N N4     . C A 1 22 ? -0.583  4.266   -2.836  1.00 0.00 ? 22 C A N4     1 
ATOM 706 C C5     . C A 1 22 ? -1.923  2.830   -4.104  1.00 0.00 ? 22 C A C5     1 
ATOM 707 C C6     . C A 1 22 ? -3.117  2.233   -4.246  1.00 0.00 ? 22 C A C6     1 
ATOM 708 H "H5'"  . C A 1 22 ? -5.610  -1.001  -6.951  1.00 0.00 ? 22 C A "H5'"  1 
ATOM 709 H "H5''" . C A 1 22 ? -4.244  0.080   -6.595  1.00 0.00 ? 22 C A "H5''" 1 
ATOM 710 H "H4'"  . C A 1 22 ? -6.314  -0.932  -4.595  1.00 0.00 ? 22 C A "H4'"  1 
ATOM 711 H "H3'"  . C A 1 22 ? -5.719  1.757   -5.852  1.00 0.00 ? 22 C A "H3'"  1 
ATOM 712 H "H2'"  . C A 1 22 ? -6.467  2.815   -3.868  1.00 0.00 ? 22 C A "H2'"  1 
ATOM 713 H "HO2'" . C A 1 22 ? -7.542  1.668   -2.166  1.00 0.00 ? 22 C A "HO2'" 1 
ATOM 714 H "H1'"  . C A 1 22 ? -5.154  0.887   -2.181  1.00 0.00 ? 22 C A "H1'"  1 
ATOM 715 H H41    . C A 1 22 ? -0.449  4.798   -1.998  1.00 0.00 ? 22 C A H41    1 
ATOM 716 H H42    . C A 1 22 ? 0.131   4.059   -3.552  1.00 0.00 ? 22 C A H42    1 
ATOM 717 H H5     . C A 1 22 ? -1.140  2.636   -4.800  1.00 0.00 ? 22 C A H5     1 
ATOM 718 H H6     . C A 1 22 ? -3.353  1.604   -5.077  1.00 0.00 ? 22 C A H6     1 
ATOM 719 P P      . A A 1 23 ? -8.539  1.823   -6.484  1.00 0.00 ? 23 A A P      1 
ATOM 720 O OP1    . A A 1 23 ? -8.332  1.879   -7.947  1.00 0.00 ? 23 A A OP1    1 
ATOM 721 O OP2    . A A 1 23 ? -8.511  3.068   -5.685  1.00 0.00 ? 23 A A OP2    1 
ATOM 722 O "O5'"  . A A 1 23 ? -9.908  1.031   -6.193  1.00 0.00 ? 23 A A "O5'"  1 
ATOM 723 C "C5'"  . A A 1 23 ? -10.316 0.715   -4.872  1.00 0.00 ? 23 A A "C5'"  1 
ATOM 724 C "C4'"  . A A 1 23 ? -10.161 -0.784  -4.529  1.00 0.00 ? 23 A A "C4'"  1 
ATOM 725 O "O4'"  . A A 1 23 ? -8.889  -1.182  -3.983  1.00 0.00 ? 23 A A "O4'"  1 
ATOM 726 C "C3'"  . A A 1 23 ? -11.193 -1.119  -3.464  1.00 0.00 ? 23 A A "C3'"  1 
ATOM 727 O "O3'"  . A A 1 23 ? -12.451 -1.523  -3.989  1.00 0.00 ? 23 A A "O3'"  1 
ATOM 728 C "C2'"  . A A 1 23 ? -10.562 -2.361  -2.851  1.00 0.00 ? 23 A A "C2'"  1 
ATOM 729 O "O2'"  . A A 1 23 ? -10.983 -3.477  -3.615  1.00 0.00 ? 23 A A "O2'"  1 
ATOM 730 C "C1'"  . A A 1 23 ? -9.064  -2.151  -2.942  1.00 0.00 ? 23 A A "C1'"  1 
ATOM 731 N N9     . A A 1 23 ? -8.251  -1.939  -1.690  1.00 0.00 ? 23 A A N9     1 
ATOM 732 C C8     . A A 1 23 ? -7.071  -1.241  -1.504  1.00 0.00 ? 23 A A C8     1 
ATOM 733 N N7     . A A 1 23 ? -6.693  -1.133  -0.253  1.00 0.00 ? 23 A A N7     1 
ATOM 734 C C5     . A A 1 23 ? -7.631  -1.905  0.440   1.00 0.00 ? 23 A A C5     1 
ATOM 735 C C6     . A A 1 23 ? -7.839  -2.265  1.801   1.00 0.00 ? 23 A A C6     1 
ATOM 736 N N6     . A A 1 23 ? -7.093  -1.900  2.825   1.00 0.00 ? 23 A A N6     1 
ATOM 737 N N1     . A A 1 23 ? -8.838  -3.072  2.157   1.00 0.00 ? 23 A A N1     1 
ATOM 738 C C2     . A A 1 23 ? -9.597  -3.558  1.189   1.00 0.00 ? 23 A A C2     1 
ATOM 739 N N3     . A A 1 23 ? -9.500  -3.352  -0.116  1.00 0.00 ? 23 A A N3     1 
ATOM 740 C C4     . A A 1 23 ? -8.507  -2.482  -0.441  1.00 0.00 ? 23 A A C4     1 
ATOM 741 H "H5'"  . A A 1 23 ? -11.374 0.972   -4.808  1.00 0.00 ? 23 A A "H5'"  1 
ATOM 742 H "H5''" . A A 1 23 ? -9.784  1.322   -4.139  1.00 0.00 ? 23 A A "H5''" 1 
ATOM 743 H "H4'"  . A A 1 23 ? -10.381 -1.378  -5.407  1.00 0.00 ? 23 A A "H4'"  1 
ATOM 744 H "H3'"  . A A 1 23 ? -11.291 -0.284  -2.779  1.00 0.00 ? 23 A A "H3'"  1 
ATOM 745 H "H2'"  . A A 1 23 ? -10.848 -2.482  -1.823  1.00 0.00 ? 23 A A "H2'"  1 
ATOM 746 H "HO2'" . A A 1 23 ? -11.822 -3.147  -3.988  1.00 0.00 ? 23 A A "HO2'" 1 
ATOM 747 H "H1'"  . A A 1 23 ? -8.809  -3.131  -3.284  1.00 0.00 ? 23 A A "H1'"  1 
ATOM 748 H H8     . A A 1 23 ? -6.501  -0.772  -2.303  1.00 0.00 ? 23 A A H8     1 
ATOM 749 H H61    . A A 1 23 ? -7.169  -2.411  3.678   1.00 0.00 ? 23 A A H61    1 
ATOM 750 H H62    . A A 1 23 ? -6.213  -1.448  2.591   1.00 0.00 ? 23 A A H62    1 
ATOM 751 H H2     . A A 1 23 ? -10.474 -4.094  1.508   1.00 0.00 ? 23 A A H2     1 
ATOM 752 P P      . G A 1 24 ? -13.799 -0.870  -3.426  1.00 0.00 ? 24 G A P      1 
ATOM 753 O OP1    . G A 1 24 ? -14.892 -1.828  -3.695  1.00 0.00 ? 24 G A OP1    1 
ATOM 754 O OP2    . G A 1 24 ? -13.856 0.510   -3.942  1.00 0.00 ? 24 G A OP2    1 
ATOM 755 O "O5'"  . G A 1 24 ? -13.504 -0.835  -1.839  1.00 0.00 ? 24 G A "O5'"  1 
ATOM 756 C "C5'"  . G A 1 24 ? -13.797 -1.938  -1.002  1.00 0.00 ? 24 G A "C5'"  1 
ATOM 757 C "C4'"  . G A 1 24 ? -13.255 -1.750  0.426   1.00 0.00 ? 24 G A "C4'"  1 
ATOM 758 O "O4'"  . G A 1 24 ? -11.845 -1.835  0.477   1.00 0.00 ? 24 G A "O4'"  1 
ATOM 759 C "C3'"  . G A 1 24 ? -13.561 -0.399  1.048   1.00 0.00 ? 24 G A "C3'"  1 
ATOM 760 O "O3'"  . G A 1 24 ? -14.882 -0.326  1.554   1.00 0.00 ? 24 G A "O3'"  1 
ATOM 761 C "C2'"  . G A 1 24 ? -12.545 -0.343  2.181   1.00 0.00 ? 24 G A "C2'"  1 
ATOM 762 O "O2'"  . G A 1 24 ? -13.014 -1.158  3.240   1.00 0.00 ? 24 G A "O2'"  1 
ATOM 763 C "C1'"  . G A 1 24 ? -11.345 -0.993  1.515   1.00 0.00 ? 24 G A "C1'"  1 
ATOM 764 N N9     . G A 1 24 ? -10.375 -0.029  0.953   1.00 0.00 ? 24 G A N9     1 
ATOM 765 C C8     . G A 1 24 ? -10.014 0.185   -0.349  1.00 0.00 ? 24 G A C8     1 
ATOM 766 N N7     . G A 1 24 ? -9.080  1.070   -0.532  1.00 0.00 ? 24 G A N7     1 
ATOM 767 C C5     . G A 1 24 ? -8.721  1.404   0.766   1.00 0.00 ? 24 G A C5     1 
ATOM 768 C C6     . G A 1 24 ? -7.725  2.304   1.250   1.00 0.00 ? 24 G A C6     1 
ATOM 769 O O6     . G A 1 24 ? -6.948  3.025   0.634   1.00 0.00 ? 24 G A O6     1 
ATOM 770 N N1     . G A 1 24 ? -7.701  2.371   2.621   1.00 0.00 ? 24 G A N1     1 
ATOM 771 C C2     . G A 1 24 ? -8.480  1.634   3.450   1.00 0.00 ? 24 G A C2     1 
ATOM 772 N N2     . G A 1 24 ? -8.325  1.840   4.734   1.00 0.00 ? 24 G A N2     1 
ATOM 773 N N3     . G A 1 24 ? -9.419  0.785   3.044   1.00 0.00 ? 24 G A N3     1 
ATOM 774 C C4     . G A 1 24 ? -9.495  0.720   1.682   1.00 0.00 ? 24 G A C4     1 
ATOM 775 H "H5'"  . G A 1 24 ? -13.362 -2.842  -1.427  1.00 0.00 ? 24 G A "H5'"  1 
ATOM 776 H "H5''" . G A 1 24 ? -14.880 -2.057  -0.955  1.00 0.00 ? 24 G A "H5''" 1 
ATOM 777 H "H4'"  . G A 1 24 ? -13.666 -2.529  1.068   1.00 0.00 ? 24 G A "H4'"  1 
ATOM 778 H "H3'"  . G A 1 24 ? -13.312 0.356   0.316   1.00 0.00 ? 24 G A "H3'"  1 
ATOM 779 H "H2'"  . G A 1 24 ? -12.333 0.669   2.532   1.00 0.00 ? 24 G A "H2'"  1 
ATOM 780 H "HO2'" . G A 1 24 ? -13.979 -1.080  3.185   1.00 0.00 ? 24 G A "HO2'" 1 
ATOM 781 H "H1'"  . G A 1 24 ? -10.815 -1.543  2.283   1.00 0.00 ? 24 G A "H1'"  1 
ATOM 782 H H8     . G A 1 24 ? -10.383 -0.407  -1.157  1.00 0.00 ? 24 G A H8     1 
ATOM 783 H H1     . G A 1 24 ? -7.131  3.106   3.006   1.00 0.00 ? 24 G A H1     1 
ATOM 784 H H21    . G A 1 24 ? -7.631  2.492   5.066   1.00 0.00 ? 24 G A H21    1 
ATOM 785 H H22    . G A 1 24 ? -8.911  1.278   5.323   1.00 0.00 ? 24 G A H22    1 
ATOM 786 P P      . C A 1 25 ? -15.659 1.076   1.617   1.00 0.00 ? 25 C A P      1 
ATOM 787 O OP1    . C A 1 25 ? -16.947 0.841   2.299   1.00 0.00 ? 25 C A OP1    1 
ATOM 788 O OP2    . C A 1 25 ? -15.621 1.686   0.276   1.00 0.00 ? 25 C A OP2    1 
ATOM 789 O "O5'"  . C A 1 25 ? -14.709 1.932   2.590   1.00 0.00 ? 25 C A "O5'"  1 
ATOM 790 C "C5'"  . C A 1 25 ? -14.740 1.724   3.988   1.00 0.00 ? 25 C A "C5'"  1 
ATOM 791 C "C4'"  . C A 1 25 ? -13.703 2.584   4.710   1.00 0.00 ? 25 C A "C4'"  1 
ATOM 792 O "O4'"  . C A 1 25 ? -12.368 2.363   4.284   1.00 0.00 ? 25 C A "O4'"  1 
ATOM 793 C "C3'"  . C A 1 25 ? -13.946 4.077   4.575   1.00 0.00 ? 25 C A "C3'"  1 
ATOM 794 O "O3'"  . C A 1 25 ? -15.068 4.445   5.355   1.00 0.00 ? 25 C A "O3'"  1 
ATOM 795 C "C2'"  . C A 1 25 ? -12.588 4.616   5.049   1.00 0.00 ? 25 C A "C2'"  1 
ATOM 796 O "O2'"  . C A 1 25 ? -12.461 4.628   6.459   1.00 0.00 ? 25 C A "O2'"  1 
ATOM 797 C "C1'"  . C A 1 25 ? -11.632 3.569   4.458   1.00 0.00 ? 25 C A "C1'"  1 
ATOM 798 N N1     . C A 1 25 ? -10.955 4.062   3.226   1.00 0.00 ? 25 C A N1     1 
ATOM 799 C C2     . C A 1 25 ? -10.003 5.089   3.349   1.00 0.00 ? 25 C A C2     1 
ATOM 800 O O2     . C A 1 25 ? -9.728  5.590   4.441   1.00 0.00 ? 25 C A O2     1 
ATOM 801 N N3     . C A 1 25 ? -9.334  5.534   2.259   1.00 0.00 ? 25 C A N3     1 
ATOM 802 C C4     . C A 1 25 ? -9.561  4.970   1.083   1.00 0.00 ? 25 C A C4     1 
ATOM 803 N N4     . C A 1 25 ? -8.849  5.412   0.076   1.00 0.00 ? 25 C A N4     1 
ATOM 804 C C5     . C A 1 25 ? -10.452 3.862   0.924   1.00 0.00 ? 25 C A C5     1 
ATOM 805 C C6     . C A 1 25 ? -11.131 3.442   2.016   1.00 0.00 ? 25 C A C6     1 
ATOM 806 H "H5'"  . C A 1 25 ? -14.545 0.677   4.212   1.00 0.00 ? 25 C A "H5'"  1 
ATOM 807 H "H5''" . C A 1 25 ? -15.732 1.977   4.364   1.00 0.00 ? 25 C A "H5''" 1 
ATOM 808 H "H4'"  . C A 1 25 ? -13.759 2.350   5.773   1.00 0.00 ? 25 C A "H4'"  1 
ATOM 809 H "H3'"  . C A 1 25 ? -14.096 4.317   3.521   1.00 0.00 ? 25 C A "H3'"  1 
ATOM 810 H "H2'"  . C A 1 25 ? -12.379 5.621   4.680   1.00 0.00 ? 25 C A "H2'"  1 
ATOM 811 H "HO2'" . C A 1 25 ? -12.901 5.433   6.764   1.00 0.00 ? 25 C A "HO2'" 1 
ATOM 812 H "H1'"  . C A 1 25 ? -10.852 3.347   5.168   1.00 0.00 ? 25 C A "H1'"  1 
ATOM 813 H H41    . C A 1 25 ? -8.201  6.179   0.275   1.00 0.00 ? 25 C A H41    1 
ATOM 814 H H42    . C A 1 25 ? -8.796  4.882   -0.773  1.00 0.00 ? 25 C A H42    1 
ATOM 815 H H5     . C A 1 25 ? -10.574 3.302   0.009   1.00 0.00 ? 25 C A H5     1 
ATOM 816 H H6     . C A 1 25 ? -11.765 2.570   1.934   1.00 0.00 ? 25 C A H6     1 
ATOM 817 P P      . G A 1 26 ? -15.815 5.835   5.126   1.00 0.00 ? 26 G A P      1 
ATOM 818 O OP1    . G A 1 26 ? -17.123 5.794   5.810   1.00 0.00 ? 26 G A OP1    1 
ATOM 819 O OP2    . G A 1 26 ? -15.715 6.206   3.699   1.00 0.00 ? 26 G A OP2    1 
ATOM 820 O "O5'"  . G A 1 26 ? -14.842 6.804   5.934   1.00 0.00 ? 26 G A "O5'"  1 
ATOM 821 C "C5'"  . G A 1 26 ? -14.831 6.862   7.343   1.00 0.00 ? 26 G A "C5'"  1 
ATOM 822 C "C4'"  . G A 1 26 ? -13.785 7.906   7.734   1.00 0.00 ? 26 G A "C4'"  1 
ATOM 823 O "O4'"  . G A 1 26 ? -12.500 7.600   7.183   1.00 0.00 ? 26 G A "O4'"  1 
ATOM 824 C "C3'"  . G A 1 26 ? -14.192 9.291   7.228   1.00 0.00 ? 26 G A "C3'"  1 
ATOM 825 O "O3'"  . G A 1 26 ? -14.959 10.026  8.168   1.00 0.00 ? 26 G A "O3'"  1 
ATOM 826 C "C2'"  . G A 1 26 ? -12.828 9.940   7.082   1.00 0.00 ? 26 G A "C2'"  1 
ATOM 827 O "O2'"  . G A 1 26 ? -12.435 10.435  8.349   1.00 0.00 ? 26 G A "O2'"  1 
ATOM 828 C "C1'"  . G A 1 26 ? -11.921 8.800   6.665   1.00 0.00 ? 26 G A "C1'"  1 
ATOM 829 N N9     . G A 1 26 ? -11.702 8.749   5.206   1.00 0.00 ? 26 G A N9     1 
ATOM 830 C C8     . G A 1 26 ? -12.379 8.063   4.229   1.00 0.00 ? 26 G A C8     1 
ATOM 831 N N7     . G A 1 26 ? -11.815 8.107   3.055   1.00 0.00 ? 26 G A N7     1 
ATOM 832 C C5     . G A 1 26 ? -10.719 8.950   3.254   1.00 0.00 ? 26 G A C5     1 
ATOM 833 C C6     . G A 1 26 ? -9.768  9.483   2.326   1.00 0.00 ? 26 G A C6     1 
ATOM 834 O O6     . G A 1 26 ? -9.674  9.271   1.123   1.00 0.00 ? 26 G A O6     1 
ATOM 835 N N1     . G A 1 26 ? -8.901  10.403  2.892   1.00 0.00 ? 26 G A N1     1 
ATOM 836 C C2     . G A 1 26 ? -8.937  10.781  4.197   1.00 0.00 ? 26 G A C2     1 
ATOM 837 N N2     . G A 1 26 ? -8.104  11.729  4.563   1.00 0.00 ? 26 G A N2     1 
ATOM 838 N N3     . G A 1 26 ? -9.798  10.295  5.095   1.00 0.00 ? 26 G A N3     1 
ATOM 839 C C4     . G A 1 26 ? -10.671 9.385   4.558   1.00 0.00 ? 26 G A C4     1 
ATOM 840 H "H5'"  . G A 1 26 ? -14.575 5.890   7.764   1.00 0.00 ? 26 G A "H5'"  1 
ATOM 841 H "H5''" . G A 1 26 ? -15.813 7.169   7.708   1.00 0.00 ? 26 G A "H5''" 1 
ATOM 842 H "H4'"  . G A 1 26 ? -13.703 7.952   8.820   1.00 0.00 ? 26 G A "H4'"  1 
ATOM 843 H "H3'"  . G A 1 26 ? -14.682 9.223   6.254   1.00 0.00 ? 26 G A "H3'"  1 
ATOM 844 H "H2'"  . G A 1 26 ? -12.853 10.723  6.340   1.00 0.00 ? 26 G A "H2'"  1 
ATOM 845 H "HO2'" . G A 1 26 ? -13.284 10.600  8.790   1.00 0.00 ? 26 G A "HO2'" 1 
ATOM 846 H "H1'"  . G A 1 26 ? -10.941 9.009   7.077   1.00 0.00 ? 26 G A "H1'"  1 
ATOM 847 H H8     . G A 1 26 ? -13.283 7.508   4.412   1.00 0.00 ? 26 G A H8     1 
ATOM 848 H H1     . G A 1 26 ? -8.263  10.901  2.281   1.00 0.00 ? 26 G A H1     1 
ATOM 849 H H21    . G A 1 26 ? -7.429  12.145  3.908   1.00 0.00 ? 26 G A H21    1 
ATOM 850 H H22    . G A 1 26 ? -8.126  11.979  5.532   1.00 0.00 ? 26 G A H22    1 
ATOM 851 P P      . C A 1 27 ? -16.009 11.139  7.672   1.00 0.00 ? 27 C A P      1 
ATOM 852 O OP1    . C A 1 27 ? -16.534 11.807  8.880   1.00 0.00 ? 27 C A OP1    1 
ATOM 853 O OP2    . C A 1 27 ? -16.926 10.496  6.712   1.00 0.00 ? 27 C A OP2    1 
ATOM 854 O "O5'"  . C A 1 27 ? -15.069 12.170  6.867   1.00 0.00 ? 27 C A "O5'"  1 
ATOM 855 C "C5'"  . C A 1 27 ? -14.352 13.176  7.557   1.00 0.00 ? 27 C A "C5'"  1 
ATOM 856 C "C4'"  . C A 1 27 ? -13.307 13.868  6.677   1.00 0.00 ? 27 C A "C4'"  1 
ATOM 857 O "O4'"  . C A 1 27 ? -12.465 12.931  6.022   1.00 0.00 ? 27 C A "O4'"  1 
ATOM 858 C "C3'"  . C A 1 27 ? -13.818 14.761  5.551   1.00 0.00 ? 27 C A "C3'"  1 
ATOM 859 O "O3'"  . C A 1 27 ? -14.250 16.051  5.962   1.00 0.00 ? 27 C A "O3'"  1 
ATOM 860 C "C2'"  . C A 1 27 ? -12.509 14.925  4.776   1.00 0.00 ? 27 C A "C2'"  1 
ATOM 861 O "O2'"  . C A 1 27 ? -11.739 15.926  5.416   1.00 0.00 ? 27 C A "O2'"  1 
ATOM 862 C "C1'"  . C A 1 27 ? -11.847 13.542  4.902   1.00 0.00 ? 27 C A "C1'"  1 
ATOM 863 N N1     . C A 1 27 ? -12.016 12.783  3.626   1.00 0.00 ? 27 C A N1     1 
ATOM 864 C C2     . C A 1 27 ? -11.319 13.218  2.488   1.00 0.00 ? 27 C A C2     1 
ATOM 865 O O2     . C A 1 27 ? -10.633 14.238  2.489   1.00 0.00 ? 27 C A O2     1 
ATOM 866 N N3     . C A 1 27 ? -11.408 12.523  1.329   1.00 0.00 ? 27 C A N3     1 
ATOM 867 C C4     . C A 1 27 ? -12.142 11.428  1.284   1.00 0.00 ? 27 C A C4     1 
ATOM 868 N N4     . C A 1 27 ? -12.093 10.739  0.173   1.00 0.00 ? 27 C A N4     1 
ATOM 869 C C5     . C A 1 27 ? -12.920 10.977  2.385   1.00 0.00 ? 27 C A C5     1 
ATOM 870 C C6     . C A 1 27 ? -12.833 11.683  3.536   1.00 0.00 ? 27 C A C6     1 
ATOM 871 H "H5'"  . C A 1 27 ? -13.835 12.726  8.403   1.00 0.00 ? 27 C A "H5'"  1 
ATOM 872 H "H5''" . C A 1 27 ? -15.051 13.919  7.940   1.00 0.00 ? 27 C A "H5''" 1 
ATOM 873 H "H4'"  . C A 1 27 ? -12.693 14.485  7.333   1.00 0.00 ? 27 C A "H4'"  1 
ATOM 874 H "H3'"  . C A 1 27 ? -14.559 14.236  4.944   1.00 0.00 ? 27 C A "H3'"  1 
ATOM 875 H "H2'"  . C A 1 27 ? -12.712 15.210  3.743   1.00 0.00 ? 27 C A "H2'"  1 
ATOM 876 H "HO2'" . C A 1 27 ? -12.413 16.527  5.771   1.00 0.00 ? 27 C A "HO2'" 1 
ATOM 877 H "H1'"  . C A 1 27 ? -10.780 13.596  5.132   1.00 0.00 ? 27 C A "H1'"  1 
ATOM 878 H H41    . C A 1 27 ? -11.479 11.190  -0.513  1.00 0.00 ? 27 C A H41    1 
ATOM 879 H H42    . C A 1 27 ? -12.151 9.738   0.270   1.00 0.00 ? 27 C A H42    1 
ATOM 880 H H5     . C A 1 27 ? -13.537 10.093  2.336   1.00 0.00 ? 27 C A H5     1 
ATOM 881 H H6     . C A 1 27 ? -13.394 11.355  4.394   1.00 0.00 ? 27 C A H6     1 
ATOM 882 P P      . C A 1 28 ? -15.806 16.442  5.915   1.00 0.00 ? 28 C A P      1 
ATOM 883 O OP1    . C A 1 28 ? -15.947 17.817  6.435   1.00 0.00 ? 28 C A OP1    1 
ATOM 884 O OP2    . C A 1 28 ? -16.589 15.345  6.506   1.00 0.00 ? 28 C A OP2    1 
ATOM 885 O "O5'"  . C A 1 28 ? -16.100 16.463  4.334   1.00 0.00 ? 28 C A "O5'"  1 
ATOM 886 C "C5'"  . C A 1 28 ? -15.927 17.643  3.576   1.00 0.00 ? 28 C A "C5'"  1 
ATOM 887 C "C4'"  . C A 1 28 ? -16.285 17.428  2.101   1.00 0.00 ? 28 C A "C4'"  1 
ATOM 888 O "O4'"  . C A 1 28 ? -15.234 16.849  1.348   1.00 0.00 ? 28 C A "O4'"  1 
ATOM 889 C "C3'"  . C A 1 28 ? -17.458 16.473  1.857   1.00 0.00 ? 28 C A "C3'"  1 
ATOM 890 O "O3'"  . C A 1 28 ? -18.728 17.033  2.167   1.00 0.00 ? 28 C A "O3'"  1 
ATOM 891 C "C2'"  . C A 1 28 ? -17.308 16.244  0.353   1.00 0.00 ? 28 C A "C2'"  1 
ATOM 892 O "O2'"  . C A 1 28 ? -18.050 17.254  -0.296  1.00 0.00 ? 28 C A "O2'"  1 
ATOM 893 C "C1'"  . C A 1 28 ? -15.802 16.433  0.112   1.00 0.00 ? 28 C A "C1'"  1 
ATOM 894 N N1     . C A 1 28 ? -15.180 15.170  -0.360  1.00 0.00 ? 28 C A N1     1 
ATOM 895 C C2     . C A 1 28 ? -14.813 15.062  -1.708  1.00 0.00 ? 28 C A C2     1 
ATOM 896 O O2     . C A 1 28 ? -14.846 16.029  -2.465  1.00 0.00 ? 28 C A O2     1 
ATOM 897 N N3     . C A 1 28 ? -14.397 13.872  -2.209  1.00 0.00 ? 28 C A N3     1 
ATOM 898 C C4     . C A 1 28 ? -14.338 12.822  -1.407  1.00 0.00 ? 28 C A C4     1 
ATOM 899 N N4     . C A 1 28 ? -13.860 11.713  -1.909  1.00 0.00 ? 28 C A N4     1 
ATOM 900 C C5     . C A 1 28 ? -14.713 12.879  -0.031  1.00 0.00 ? 28 C A C5     1 
ATOM 901 C C6     . C A 1 28 ? -15.110 14.075  0.464   1.00 0.00 ? 28 C A C6     1 
ATOM 902 H "H5'"  . C A 1 28 ? -14.896 17.992  3.651   1.00 0.00 ? 28 C A "H5'"  1 
ATOM 903 H "H5''" . C A 1 28 ? -16.583 18.414  3.985   1.00 0.00 ? 28 C A "H5''" 1 
ATOM 904 H "H4'"  . C A 1 28 ? -16.522 18.400  1.665   1.00 0.00 ? 28 C A "H4'"  1 
ATOM 905 H "H3'"  . C A 1 28 ? -17.300 15.531  2.387   1.00 0.00 ? 28 C A "H3'"  1 
ATOM 906 H "HO3'" . C A 1 28 ? -18.814 17.023  3.128   1.00 0.00 ? 28 C A "HO3'" 1 
ATOM 907 H "H2'"  . C A 1 28 ? -17.666 15.254  0.067   1.00 0.00 ? 28 C A "H2'"  1 
ATOM 908 H "HO2'" . C A 1 28 ? -18.710 17.494  0.379   1.00 0.00 ? 28 C A "HO2'" 1 
ATOM 909 H "H1'"  . C A 1 28 ? -15.666 17.217  -0.640  1.00 0.00 ? 28 C A "H1'"  1 
ATOM 910 H H41    . C A 1 28 ? -13.467 11.753  -2.852  1.00 0.00 ? 28 C A H41    1 
ATOM 911 H H42    . C A 1 28 ? -13.488 11.060  -1.234  1.00 0.00 ? 28 C A H42    1 
ATOM 912 H H5     . C A 1 28 ? -14.688 12.015  0.610   1.00 0.00 ? 28 C A H5     1 
ATOM 913 H H6     . C A 1 28 ? -15.392 14.170  1.507   1.00 0.00 ? 28 C A H6     1 
# 
